data_5L3E
#
_entry.id   5L3E
#
_cell.length_a   116.570
_cell.length_b   178.400
_cell.length_c   233.780
_cell.angle_alpha   90.00
_cell.angle_beta   90.00
_cell.angle_gamma   90.00
#
_symmetry.space_group_name_H-M   'I 2 2 2'
#
loop_
_entity.id
_entity.type
_entity.pdbx_description
1 polymer 'Lysine-specific histone demethylase 1A'
2 polymer 'REST corepressor 1'
3 non-polymer 'FLAVIN-ADENINE DINUCLEOTIDE'
4 non-polymer N~4~-(1-benzylpiperidin-4-yl)-N~2~-[3-(dimethylamino)propyl]-6,7-dimethoxyquinazoline-2,4-diamine
5 non-polymer 'SODIUM ION'
#
loop_
_entity_poly.entity_id
_entity_poly.type
_entity_poly.pdbx_seq_one_letter_code
_entity_poly.pdbx_strand_id
1 'polypeptide(L)'
;MDESLANLSEDEYYSEEERNAKAEKEKKLPPPPPQAPPEEENESEPEEPSGVEGAAFQSRLPHDRMTSQEAACFPDIISG
PQQTQKVFLFIRNRTLQLWLDNPKIQLTFEATLQQLEAPYNSDTVLVHRVHSYLERHGLINFGIYKRIKPLPTKKTGKVI
IIGSGVSGLAAARQLQSFGMDVTLLEARDRVGGRVATFRKGNYVADLGAMVVTGLGGNPMAVVSKQVNMELAKIKQKCPL
YEANGQAVPKEKDEMVEQEFNRLLEATSYLSHQLDFNVLNNKPVSLGQALEVVIQLQEKHVKDEQIEHWKKIVKTQEELK
ELLNKMVNLKEKIKELHQQYKEASEVKPPRDITAEFLVKSKHRDLTALCKEYDELAETQGKLEEKLQELEANPPSDVYLS
SRDRQILDWHFANLEFANATPLSTLSLKHWDQDDDFEFTGSHLTVRNGYSCVPVALAEGLDIKLNTAVRQVRYTASGCEV
IAVNTRSTSQTFIYKCDAVLCTLPLGVLKQQPPAVQFVPPLPEWKTSAVQRMGFGNLNKVVLCFDRVFWDPSVNLFGHVG
STTASRGELFLFWNLYKAPILLALVAGEAAGIMENISDDVIVGRCLAILKGIFGSSAVPQPKETVVSRWRADPWARGSYS
YVAAGSSGNDYDLMAQPITPGPSIPGAPQPIPRLFFAGEHTIRNYPATVHGALLSGLREAGRIADQFLGAMYTLPRQATP
GVPAQQSPSM
;
A
2 'polypeptide(L)'
;RAKRKPPKGMFLSQEDVEAVSANATAATTVLRQLDMELVSVKRQIQNIKQTNSALKEKLDGGIEPYRLPEVIQKCNARWT
TEEQLLAVQAIRKYGRDFQAISDVIGNKSVVQVKNFFVNYRRRFNIDEVLQEWEAEHGKEETNGPSNQKPVKSPDNSIKM
PEEEDEAPVLDVRYASAS
;
B
#
# COMPACT_ATOMS: atom_id res chain seq x y z
N PRO A 49 -17.45 -1.01 -21.93
CA PRO A 49 -18.22 -0.45 -23.06
C PRO A 49 -18.69 -1.52 -24.07
N SER A 50 -19.63 -1.18 -24.95
CA SER A 50 -20.16 -2.13 -25.99
C SER A 50 -20.29 -1.50 -27.40
N GLY A 51 -20.34 -2.37 -28.41
CA GLY A 51 -20.42 -1.93 -29.80
C GLY A 51 -19.05 -1.64 -30.38
N VAL A 52 -18.94 -0.59 -31.18
CA VAL A 52 -17.64 -0.23 -31.75
C VAL A 52 -16.75 0.37 -30.66
N GLU A 53 -17.31 1.14 -29.73
CA GLU A 53 -16.55 1.60 -28.57
C GLU A 53 -15.98 0.39 -27.79
N GLY A 54 -16.70 -0.72 -27.82
CA GLY A 54 -16.30 -1.92 -27.11
C GLY A 54 -15.03 -2.49 -27.66
N ALA A 55 -15.05 -2.70 -28.97
CA ALA A 55 -13.87 -3.08 -29.73
C ALA A 55 -12.62 -2.17 -29.48
N ALA A 56 -12.77 -0.87 -29.34
CA ALA A 56 -11.61 0.00 -29.00
C ALA A 56 -11.02 -0.32 -27.62
N PHE A 57 -11.88 -0.34 -26.62
CA PHE A 57 -11.51 -0.71 -25.28
C PHE A 57 -10.83 -2.09 -25.28
N GLN A 58 -11.43 -3.03 -25.98
CA GLN A 58 -10.93 -4.40 -26.03
C GLN A 58 -9.57 -4.54 -26.78
N SER A 59 -9.18 -3.49 -27.49
CA SER A 59 -7.87 -3.35 -28.16
C SER A 59 -6.98 -2.28 -27.50
N ARG A 60 -7.20 -1.98 -26.22
CA ARG A 60 -6.45 -0.96 -25.48
C ARG A 60 -6.36 0.38 -26.20
N LEU A 61 -7.47 0.83 -26.78
CA LEU A 61 -7.52 2.14 -27.45
C LEU A 61 -8.66 3.00 -27.03
N PRO A 62 -8.43 4.31 -26.92
CA PRO A 62 -9.53 5.23 -26.70
C PRO A 62 -10.46 5.20 -27.92
N HIS A 63 -11.74 4.94 -27.70
CA HIS A 63 -12.76 4.86 -28.78
C HIS A 63 -12.95 6.18 -29.49
N ASP A 64 -12.68 7.29 -28.81
CA ASP A 64 -13.06 8.63 -29.26
C ASP A 64 -11.92 9.57 -29.58
N ARG A 65 -10.68 9.07 -29.57
CA ARG A 65 -9.50 9.88 -29.91
C ARG A 65 -8.51 9.06 -30.73
N MET A 66 -7.76 9.76 -31.55
CA MET A 66 -6.65 9.15 -32.22
C MET A 66 -5.43 9.12 -31.28
N THR A 67 -4.77 7.96 -31.28
CA THR A 67 -3.57 7.70 -30.49
C THR A 67 -2.41 8.41 -31.11
N SER A 68 -1.32 8.49 -30.36
CA SER A 68 -0.06 9.03 -30.88
C SER A 68 0.49 8.30 -32.13
N GLN A 69 0.28 6.99 -32.17
CA GLN A 69 0.70 6.18 -33.31
C GLN A 69 -0.13 6.51 -34.54
N GLU A 70 -1.42 6.67 -34.34
CA GLU A 70 -2.31 7.04 -35.41
C GLU A 70 -1.91 8.44 -35.93
N ALA A 71 -1.59 9.35 -35.04
CA ALA A 71 -1.13 10.67 -35.48
C ALA A 71 0.07 10.66 -36.44
N ALA A 72 0.97 9.71 -36.25
CA ALA A 72 2.19 9.69 -37.02
C ALA A 72 1.97 9.03 -38.38
N CYS A 73 1.12 8.01 -38.44
CA CYS A 73 0.65 7.41 -39.69
C CYS A 73 -0.47 8.15 -40.43
N PHE A 74 -1.14 9.08 -39.80
CA PHE A 74 -2.28 9.71 -40.41
C PHE A 74 -2.26 11.15 -39.95
N PRO A 75 -1.16 11.85 -40.18
CA PRO A 75 -1.09 13.26 -39.75
C PRO A 75 -1.97 14.19 -40.57
N ASP A 76 -2.30 13.77 -41.78
CA ASP A 76 -3.25 14.51 -42.62
C ASP A 76 -4.61 14.60 -41.94
N ILE A 77 -4.98 13.54 -41.23
CA ILE A 77 -6.29 13.43 -40.64
C ILE A 77 -6.43 14.15 -39.33
N ILE A 78 -5.58 13.78 -38.40
CA ILE A 78 -5.50 14.41 -37.11
C ILE A 78 -5.11 15.91 -37.19
N SER A 79 -4.49 16.40 -38.26
CA SER A 79 -4.23 17.86 -38.32
C SER A 79 -5.41 18.54 -38.93
N GLY A 80 -6.35 17.74 -39.43
CA GLY A 80 -7.42 18.18 -40.27
C GLY A 80 -8.66 18.42 -39.46
N PRO A 81 -9.80 18.56 -40.15
CA PRO A 81 -11.06 18.86 -39.48
C PRO A 81 -11.62 17.70 -38.63
N GLN A 82 -12.34 18.09 -37.57
CA GLN A 82 -12.95 17.15 -36.63
C GLN A 82 -13.81 16.05 -37.26
N GLN A 83 -14.50 16.34 -38.37
CA GLN A 83 -15.41 15.34 -38.91
C GLN A 83 -14.65 14.19 -39.52
N THR A 84 -13.55 14.45 -40.24
CA THR A 84 -12.76 13.33 -40.83
C THR A 84 -12.19 12.44 -39.72
N GLN A 85 -11.77 13.06 -38.61
CA GLN A 85 -11.36 12.31 -37.41
C GLN A 85 -12.40 11.30 -36.94
N LYS A 86 -13.66 11.70 -36.89
CA LYS A 86 -14.72 10.80 -36.41
C LYS A 86 -14.95 9.64 -37.37
N VAL A 87 -14.72 9.93 -38.64
CA VAL A 87 -14.81 8.91 -39.69
C VAL A 87 -13.68 7.91 -39.45
N PHE A 88 -12.46 8.46 -39.36
CA PHE A 88 -11.27 7.67 -39.14
C PHE A 88 -11.52 6.71 -37.95
N LEU A 89 -11.93 7.31 -36.83
CA LEU A 89 -12.21 6.58 -35.60
C LEU A 89 -13.27 5.55 -35.82
N PHE A 90 -14.36 5.93 -36.50
CA PHE A 90 -15.44 4.95 -36.70
C PHE A 90 -14.88 3.77 -37.51
N ILE A 91 -14.10 4.07 -38.55
CA ILE A 91 -13.62 3.03 -39.44
C ILE A 91 -12.73 2.06 -38.65
N ARG A 92 -11.80 2.66 -37.89
CA ARG A 92 -10.86 1.93 -37.05
C ARG A 92 -11.56 1.05 -36.03
N ASN A 93 -12.47 1.66 -35.27
CA ASN A 93 -13.23 0.93 -34.24
C ASN A 93 -14.05 -0.20 -34.85
N ARG A 94 -14.62 0.08 -36.02
CA ARG A 94 -15.49 -0.85 -36.71
C ARG A 94 -14.71 -2.07 -37.25
N THR A 95 -13.53 -1.80 -37.79
CA THR A 95 -12.65 -2.85 -38.29
C THR A 95 -12.14 -3.69 -37.12
N LEU A 96 -11.77 -3.01 -36.04
CA LEU A 96 -11.39 -3.70 -34.79
C LEU A 96 -12.47 -4.64 -34.36
N GLN A 97 -13.69 -4.09 -34.35
CA GLN A 97 -14.86 -4.88 -34.06
C GLN A 97 -15.00 -6.10 -34.96
N LEU A 98 -14.82 -5.93 -36.27
CA LEU A 98 -14.99 -7.09 -37.16
C LEU A 98 -14.02 -8.22 -36.83
N TRP A 99 -12.75 -7.83 -36.61
CA TRP A 99 -11.69 -8.76 -36.22
C TRP A 99 -12.05 -9.46 -34.91
N LEU A 100 -12.46 -8.66 -33.92
CA LEU A 100 -12.76 -9.20 -32.59
C LEU A 100 -13.95 -10.15 -32.55
N ASP A 101 -14.95 -9.89 -33.40
CA ASP A 101 -16.15 -10.75 -33.51
C ASP A 101 -15.82 -12.13 -34.07
N ASN A 102 -14.68 -12.24 -34.74
CA ASN A 102 -14.26 -13.50 -35.26
C ASN A 102 -12.74 -13.51 -35.53
N PRO A 103 -11.95 -13.65 -34.47
CA PRO A 103 -10.50 -13.66 -34.63
C PRO A 103 -9.95 -15.02 -35.08
N LYS A 104 -10.80 -15.98 -35.45
CA LYS A 104 -10.32 -17.28 -35.94
C LYS A 104 -10.05 -17.28 -37.44
N ILE A 105 -10.37 -16.18 -38.13
CA ILE A 105 -10.00 -16.08 -39.53
C ILE A 105 -9.52 -14.70 -39.95
N GLN A 106 -8.63 -14.69 -40.95
CA GLN A 106 -8.05 -13.46 -41.44
C GLN A 106 -9.15 -12.51 -41.84
N LEU A 107 -8.94 -11.25 -41.53
CA LEU A 107 -9.84 -10.21 -41.92
C LEU A 107 -9.17 -9.38 -43.00
N THR A 108 -9.72 -9.51 -44.20
CA THR A 108 -9.22 -8.83 -45.39
C THR A 108 -9.81 -7.45 -45.50
N PHE A 109 -9.14 -6.62 -46.28
CA PHE A 109 -9.60 -5.25 -46.55
C PHE A 109 -10.91 -5.25 -47.31
N GLU A 110 -11.03 -6.20 -48.25
CA GLU A 110 -12.21 -6.39 -49.09
C GLU A 110 -13.39 -6.68 -48.17
N ALA A 111 -13.23 -7.68 -47.31
CA ALA A 111 -14.23 -8.02 -46.28
C ALA A 111 -14.66 -6.84 -45.38
N THR A 112 -13.68 -5.98 -45.04
CA THR A 112 -13.88 -4.84 -44.14
C THR A 112 -14.73 -3.78 -44.81
N LEU A 113 -14.33 -3.50 -46.04
CA LEU A 113 -15.01 -2.55 -46.89
C LEU A 113 -16.41 -3.06 -47.20
N GLN A 114 -16.52 -4.34 -47.56
CA GLN A 114 -17.80 -5.03 -47.74
C GLN A 114 -18.76 -4.72 -46.58
N GLN A 115 -18.29 -4.75 -45.32
CA GLN A 115 -19.16 -4.52 -44.14
C GLN A 115 -19.17 -3.15 -43.48
N LEU A 116 -18.60 -2.16 -44.13
CA LEU A 116 -18.84 -0.77 -43.73
C LEU A 116 -20.07 -0.28 -44.45
N GLU A 117 -20.85 0.56 -43.79
CA GLU A 117 -21.95 1.23 -44.48
C GLU A 117 -21.59 2.68 -44.78
N ALA A 118 -22.30 3.27 -45.73
CA ALA A 118 -22.04 4.64 -46.15
C ALA A 118 -22.45 5.58 -45.01
N PRO A 119 -21.85 6.77 -44.87
CA PRO A 119 -20.83 7.32 -45.79
C PRO A 119 -19.43 6.73 -45.68
N TYR A 120 -19.20 5.84 -44.71
CA TYR A 120 -17.87 5.50 -44.22
C TYR A 120 -17.06 4.71 -45.24
N ASN A 121 -17.73 3.78 -45.92
CA ASN A 121 -17.20 3.07 -47.10
C ASN A 121 -17.19 3.84 -48.44
N SER A 122 -17.52 5.13 -48.42
CA SER A 122 -17.29 5.96 -49.61
C SER A 122 -15.79 6.02 -49.91
N ASP A 123 -15.02 6.60 -48.99
CA ASP A 123 -13.55 6.75 -49.15
C ASP A 123 -12.80 5.45 -48.96
N THR A 124 -12.48 4.76 -50.05
CA THR A 124 -11.90 3.42 -49.91
C THR A 124 -10.39 3.50 -49.73
N VAL A 125 -9.80 4.67 -49.97
CA VAL A 125 -8.39 4.86 -49.64
C VAL A 125 -8.19 4.90 -48.12
N LEU A 126 -8.87 5.82 -47.45
CA LEU A 126 -8.92 5.82 -45.99
C LEU A 126 -9.13 4.44 -45.38
N VAL A 127 -10.20 3.74 -45.77
CA VAL A 127 -10.47 2.38 -45.28
C VAL A 127 -9.28 1.45 -45.51
N HIS A 128 -8.59 1.61 -46.64
CA HIS A 128 -7.40 0.80 -46.94
C HIS A 128 -6.21 1.16 -46.02
N ARG A 129 -5.93 2.46 -45.89
CA ARG A 129 -4.88 2.92 -44.97
C ARG A 129 -5.12 2.43 -43.55
N VAL A 130 -6.38 2.49 -43.10
CA VAL A 130 -6.73 2.02 -41.76
C VAL A 130 -6.53 0.51 -41.64
N HIS A 131 -7.17 -0.27 -42.50
CA HIS A 131 -7.00 -1.71 -42.40
C HIS A 131 -5.53 -2.12 -42.39
N SER A 132 -4.68 -1.37 -43.06
CA SER A 132 -3.29 -1.77 -43.18
C SER A 132 -2.49 -1.39 -41.95
N TYR A 133 -2.69 -0.16 -41.44
CA TYR A 133 -2.18 0.24 -40.12
C TYR A 133 -2.51 -0.82 -39.07
N LEU A 134 -3.74 -1.30 -39.07
CA LEU A 134 -4.15 -2.25 -38.04
C LEU A 134 -3.53 -3.60 -38.21
N GLU A 135 -3.28 -3.99 -39.44
CA GLU A 135 -2.75 -5.32 -39.74
C GLU A 135 -1.27 -5.36 -39.38
N ARG A 136 -0.64 -4.24 -39.70
CA ARG A 136 0.77 -4.07 -39.55
C ARG A 136 1.14 -4.05 -38.10
N HIS A 137 0.36 -3.32 -37.32
CA HIS A 137 0.65 -3.20 -35.93
C HIS A 137 -0.01 -4.24 -35.04
N GLY A 138 -0.58 -5.28 -35.65
CA GLY A 138 -1.02 -6.45 -34.90
C GLY A 138 -2.23 -6.23 -34.04
N LEU A 139 -3.00 -5.21 -34.41
CA LEU A 139 -4.28 -4.97 -33.80
C LEU A 139 -5.30 -5.89 -34.41
N ILE A 140 -5.06 -6.34 -35.63
CA ILE A 140 -5.85 -7.41 -36.27
C ILE A 140 -4.93 -8.40 -36.96
N ASN A 141 -5.49 -9.56 -37.25
CA ASN A 141 -4.76 -10.63 -37.91
C ASN A 141 -3.42 -10.89 -37.22
N PHE A 142 -3.58 -11.15 -35.93
CA PHE A 142 -2.52 -11.65 -35.06
C PHE A 142 -2.90 -12.99 -34.42
N GLY A 143 -1.89 -13.76 -34.07
CA GLY A 143 -2.09 -15.04 -33.46
C GLY A 143 -2.29 -16.13 -34.46
N ILE A 144 -3.05 -17.13 -34.09
CA ILE A 144 -3.35 -18.23 -34.96
C ILE A 144 -4.73 -18.08 -35.57
N TYR A 145 -4.76 -17.85 -36.88
CA TYR A 145 -6.00 -17.71 -37.62
C TYR A 145 -5.81 -18.26 -39.02
N LYS A 146 -6.89 -18.71 -39.66
CA LYS A 146 -6.87 -19.21 -41.03
C LYS A 146 -6.61 -18.08 -42.00
N ARG A 147 -5.54 -18.26 -42.78
CA ARG A 147 -5.11 -17.24 -43.73
C ARG A 147 -6.03 -17.32 -44.94
N ILE A 148 -6.56 -16.19 -45.40
CA ILE A 148 -7.40 -16.17 -46.59
C ILE A 148 -6.57 -16.00 -47.86
N LYS A 149 -5.68 -15.00 -47.90
CA LYS A 149 -4.76 -14.80 -49.04
C LYS A 149 -3.49 -15.62 -48.85
N PRO A 150 -3.14 -16.53 -49.79
CA PRO A 150 -1.93 -17.32 -49.49
C PRO A 150 -0.66 -16.44 -49.36
N LEU A 151 0.33 -16.94 -48.64
CA LEU A 151 1.55 -16.17 -48.27
C LEU A 151 2.37 -15.83 -49.52
N PRO A 152 2.94 -14.60 -49.61
CA PRO A 152 3.76 -14.26 -50.77
C PRO A 152 4.74 -15.38 -51.10
N THR A 153 4.70 -15.79 -52.37
CA THR A 153 5.48 -16.90 -52.89
C THR A 153 6.98 -16.73 -52.60
N LYS A 154 7.48 -15.53 -52.90
CA LYS A 154 8.87 -15.15 -52.68
C LYS A 154 8.95 -14.21 -51.47
N LYS A 155 9.73 -14.63 -50.49
CA LYS A 155 9.86 -13.87 -49.27
C LYS A 155 10.86 -12.73 -49.46
N THR A 156 10.74 -11.71 -48.63
CA THR A 156 11.51 -10.50 -48.76
C THR A 156 12.14 -10.18 -47.45
N GLY A 157 13.44 -9.92 -47.45
CA GLY A 157 14.17 -9.63 -46.22
C GLY A 157 14.32 -10.87 -45.35
N LYS A 158 15.32 -10.86 -44.47
CA LYS A 158 15.61 -11.98 -43.58
C LYS A 158 15.88 -11.50 -42.15
N VAL A 159 15.16 -12.11 -41.20
CA VAL A 159 15.23 -11.74 -39.81
C VAL A 159 15.57 -12.91 -38.93
N ILE A 160 16.50 -12.66 -38.03
CA ILE A 160 16.86 -13.63 -37.02
C ILE A 160 16.32 -13.12 -35.70
N ILE A 161 15.58 -14.02 -35.03
CA ILE A 161 14.98 -13.73 -33.77
C ILE A 161 15.64 -14.56 -32.70
N ILE A 162 16.16 -13.90 -31.66
CA ILE A 162 16.82 -14.56 -30.58
C ILE A 162 15.80 -14.81 -29.49
N GLY A 163 15.50 -16.08 -29.22
CA GLY A 163 14.57 -16.51 -28.16
C GLY A 163 13.22 -16.86 -28.76
N SER A 164 12.68 -18.01 -28.36
CA SER A 164 11.35 -18.44 -28.84
C SER A 164 10.34 -18.54 -27.71
N GLY A 165 10.48 -17.68 -26.71
CA GLY A 165 9.33 -17.32 -25.88
C GLY A 165 8.23 -16.57 -26.63
N VAL A 166 7.32 -16.00 -25.86
CA VAL A 166 6.10 -15.46 -26.43
C VAL A 166 6.40 -14.22 -27.25
N SER A 167 7.31 -13.36 -26.78
CA SER A 167 7.55 -12.14 -27.52
C SER A 167 8.12 -12.50 -28.89
N GLY A 168 9.09 -13.39 -28.91
CA GLY A 168 9.70 -13.82 -30.15
C GLY A 168 8.72 -14.55 -31.07
N LEU A 169 7.96 -15.48 -30.52
CA LEU A 169 7.01 -16.25 -31.33
C LEU A 169 6.01 -15.34 -31.96
N ALA A 170 5.55 -14.38 -31.21
CA ALA A 170 4.51 -13.51 -31.73
C ALA A 170 5.04 -12.63 -32.82
N ALA A 171 6.30 -12.18 -32.68
CA ALA A 171 6.97 -11.35 -33.67
C ALA A 171 7.19 -12.16 -34.95
N ALA A 172 7.81 -13.32 -34.79
CA ALA A 172 8.05 -14.26 -35.89
C ALA A 172 6.83 -14.55 -36.69
N ARG A 173 5.76 -14.82 -35.99
CA ARG A 173 4.54 -15.19 -36.62
C ARG A 173 3.97 -14.01 -37.45
N GLN A 174 4.18 -12.78 -37.00
CA GLN A 174 3.83 -11.60 -37.80
C GLN A 174 4.76 -11.39 -39.01
N LEU A 175 6.06 -11.53 -38.83
CA LEU A 175 6.99 -11.21 -39.88
C LEU A 175 6.72 -12.19 -41.01
N GLN A 176 6.64 -13.49 -40.68
CA GLN A 176 6.21 -14.49 -41.63
C GLN A 176 4.89 -14.15 -42.30
N SER A 177 3.90 -13.79 -41.51
CA SER A 177 2.59 -13.24 -41.96
C SER A 177 2.80 -12.15 -43.04
N PHE A 178 3.82 -11.32 -42.88
CA PHE A 178 4.12 -10.24 -43.81
C PHE A 178 5.04 -10.60 -44.98
N GLY A 179 5.26 -11.90 -45.19
CA GLY A 179 6.23 -12.36 -46.14
C GLY A 179 7.72 -12.18 -45.88
N MET A 180 8.18 -11.88 -44.66
CA MET A 180 9.63 -11.96 -44.40
C MET A 180 10.02 -13.40 -44.12
N ASP A 181 11.31 -13.65 -44.14
CA ASP A 181 11.85 -14.96 -43.85
C ASP A 181 12.45 -14.87 -42.45
N VAL A 182 11.96 -15.73 -41.56
CA VAL A 182 12.30 -15.67 -40.16
C VAL A 182 12.79 -17.00 -39.65
N THR A 183 13.87 -16.93 -38.90
CA THR A 183 14.33 -18.05 -38.12
C THR A 183 14.54 -17.60 -36.68
N LEU A 184 14.18 -18.48 -35.74
CA LEU A 184 14.32 -18.23 -34.33
C LEU A 184 15.37 -19.14 -33.79
N LEU A 185 16.26 -18.61 -32.97
CA LEU A 185 17.25 -19.39 -32.27
C LEU A 185 16.88 -19.41 -30.79
N GLU A 186 16.80 -20.61 -30.23
CA GLU A 186 16.35 -20.84 -28.86
C GLU A 186 17.36 -21.73 -28.16
N ALA A 187 17.84 -21.29 -27.01
CA ALA A 187 18.87 -22.04 -26.29
C ALA A 187 18.29 -23.30 -25.61
N ARG A 188 17.08 -23.18 -25.10
CA ARG A 188 16.39 -24.32 -24.48
C ARG A 188 16.03 -25.36 -25.56
N ASP A 189 15.62 -26.51 -25.09
CA ASP A 189 15.09 -27.60 -25.94
C ASP A 189 13.57 -27.56 -26.05
N ARG A 190 12.97 -26.39 -25.86
CA ARG A 190 11.53 -26.22 -26.03
C ARG A 190 11.23 -24.76 -26.24
N VAL A 191 10.05 -24.48 -26.77
CA VAL A 191 9.59 -23.10 -26.88
C VAL A 191 8.93 -22.60 -25.61
N GLY A 192 8.64 -21.30 -25.56
CA GLY A 192 7.82 -20.72 -24.51
C GLY A 192 8.57 -19.95 -23.45
N GLY A 193 9.83 -20.29 -23.27
CA GLY A 193 10.66 -19.49 -22.38
C GLY A 193 10.08 -19.57 -20.98
N ARG A 194 9.79 -18.39 -20.42
CA ARG A 194 9.23 -18.32 -19.07
C ARG A 194 7.75 -18.72 -19.00
N VAL A 195 7.08 -19.04 -20.11
CA VAL A 195 5.92 -19.91 -20.05
C VAL A 195 6.41 -21.37 -20.06
N ALA A 196 6.62 -21.89 -18.86
CA ALA A 196 7.06 -23.26 -18.61
C ALA A 196 5.94 -24.00 -17.89
N THR A 197 5.72 -25.24 -18.28
CA THR A 197 4.58 -26.04 -17.85
C THR A 197 5.00 -27.48 -17.61
N PHE A 198 5.12 -27.86 -16.33
CA PHE A 198 5.42 -29.24 -15.95
C PHE A 198 4.31 -30.22 -16.36
N ARG A 199 4.71 -31.40 -16.85
CA ARG A 199 3.77 -32.46 -17.28
C ARG A 199 4.33 -33.79 -16.93
N LYS A 200 3.50 -34.59 -16.28
CA LYS A 200 3.88 -35.94 -15.93
C LYS A 200 2.64 -36.69 -15.58
N GLY A 201 2.42 -37.77 -16.30
CA GLY A 201 1.14 -38.41 -16.31
C GLY A 201 0.03 -37.40 -16.48
N ASN A 202 -0.87 -37.35 -15.49
CA ASN A 202 -2.01 -36.44 -15.49
C ASN A 202 -1.70 -35.18 -14.73
N TYR A 203 -0.55 -35.17 -14.04
CA TYR A 203 -0.10 -33.95 -13.39
C TYR A 203 0.30 -32.89 -14.45
N VAL A 204 -0.20 -31.67 -14.25
CA VAL A 204 0.10 -30.50 -15.07
C VAL A 204 0.25 -29.31 -14.14
N ALA A 205 1.35 -28.59 -14.22
CA ALA A 205 1.50 -27.41 -13.37
C ALA A 205 2.50 -26.38 -13.92
N ASP A 206 2.04 -25.15 -14.10
CA ASP A 206 2.93 -24.10 -14.56
C ASP A 206 3.97 -23.66 -13.52
N LEU A 207 5.26 -23.77 -13.89
CA LEU A 207 6.37 -23.23 -13.12
C LEU A 207 6.72 -21.83 -13.52
N GLY A 208 6.09 -21.36 -14.60
CA GLY A 208 6.22 -20.00 -15.05
C GLY A 208 4.90 -19.28 -14.93
N ALA A 209 4.61 -18.41 -15.88
CA ALA A 209 3.29 -17.83 -16.03
C ALA A 209 2.18 -18.85 -15.85
N MET A 210 1.19 -18.42 -15.06
CA MET A 210 0.06 -19.24 -14.60
C MET A 210 -1.31 -18.61 -14.76
N VAL A 211 -1.35 -17.28 -14.63
CA VAL A 211 -2.58 -16.52 -14.50
C VAL A 211 -2.76 -15.55 -15.65
N VAL A 212 -3.98 -15.50 -16.15
CA VAL A 212 -4.41 -14.54 -17.15
C VAL A 212 -5.09 -13.43 -16.36
N THR A 213 -4.57 -12.21 -16.39
CA THR A 213 -5.00 -11.21 -15.45
C THR A 213 -6.16 -10.38 -15.97
N GLY A 214 -7.27 -11.06 -16.31
CA GLY A 214 -8.50 -10.39 -16.75
C GLY A 214 -8.55 -10.31 -18.24
N LEU A 215 -9.74 -10.45 -18.83
CA LEU A 215 -9.86 -10.43 -20.28
C LEU A 215 -10.27 -9.10 -20.90
N GLY A 216 -10.61 -8.13 -20.08
CA GLY A 216 -11.06 -6.83 -20.55
C GLY A 216 -9.91 -5.98 -21.06
N GLY A 217 -9.72 -6.00 -22.38
CA GLY A 217 -8.61 -5.31 -23.04
C GLY A 217 -7.36 -6.16 -23.19
N ASN A 218 -7.47 -7.46 -22.91
CA ASN A 218 -6.33 -8.34 -22.91
C ASN A 218 -6.30 -9.02 -24.24
N PRO A 219 -5.13 -8.98 -24.92
CA PRO A 219 -5.02 -9.66 -26.19
C PRO A 219 -5.06 -11.17 -26.05
N MET A 220 -4.77 -11.69 -24.88
CA MET A 220 -4.95 -13.13 -24.63
C MET A 220 -6.41 -13.59 -24.71
N ALA A 221 -7.36 -12.66 -24.61
CA ALA A 221 -8.74 -12.97 -24.91
C ALA A 221 -8.88 -13.47 -26.33
N VAL A 222 -8.31 -12.73 -27.28
CA VAL A 222 -8.25 -13.16 -28.70
C VAL A 222 -7.55 -14.52 -28.80
N VAL A 223 -6.40 -14.64 -28.17
CA VAL A 223 -5.65 -15.86 -28.25
C VAL A 223 -6.45 -17.03 -27.70
N SER A 224 -7.22 -16.81 -26.64
CA SER A 224 -8.00 -17.88 -26.03
C SER A 224 -9.09 -18.40 -26.98
N LYS A 225 -9.66 -17.53 -27.82
CA LYS A 225 -10.63 -18.01 -28.82
C LYS A 225 -9.96 -18.83 -29.92
N GLN A 226 -8.73 -18.47 -30.25
CA GLN A 226 -7.97 -19.15 -31.29
C GLN A 226 -7.39 -20.48 -30.85
N VAL A 227 -6.91 -20.54 -29.62
CA VAL A 227 -6.19 -21.71 -29.09
C VAL A 227 -7.07 -22.31 -28.00
N ASN A 228 -7.04 -23.63 -27.81
CA ASN A 228 -7.79 -24.21 -26.71
C ASN A 228 -7.01 -24.05 -25.40
N MET A 229 -7.24 -22.94 -24.71
CA MET A 229 -6.84 -22.81 -23.32
C MET A 229 -8.11 -23.10 -22.53
N GLU A 230 -7.99 -23.96 -21.53
CA GLU A 230 -9.11 -24.21 -20.63
C GLU A 230 -9.02 -23.21 -19.51
N LEU A 231 -9.58 -22.04 -19.73
CA LEU A 231 -9.55 -20.98 -18.72
C LEU A 231 -10.56 -21.23 -17.60
N ALA A 232 -10.25 -20.72 -16.41
CA ALA A 232 -11.00 -21.07 -15.19
C ALA A 232 -10.75 -20.03 -14.13
N LYS A 233 -11.81 -19.39 -13.63
CA LYS A 233 -11.69 -18.25 -12.72
C LYS A 233 -11.07 -18.67 -11.42
N ILE A 234 -10.40 -17.73 -10.79
CA ILE A 234 -9.77 -17.95 -9.51
C ILE A 234 -10.70 -17.27 -8.52
N LYS A 235 -11.26 -18.08 -7.60
CA LYS A 235 -12.01 -17.59 -6.46
C LYS A 235 -11.05 -16.85 -5.55
N GLN A 236 -11.31 -15.56 -5.30
CA GLN A 236 -10.35 -14.71 -4.60
C GLN A 236 -10.22 -15.02 -3.10
N LYS A 237 -11.07 -15.92 -2.57
CA LYS A 237 -11.06 -16.25 -1.14
C LYS A 237 -9.77 -16.94 -0.67
N CYS A 238 -9.05 -16.29 0.26
CA CYS A 238 -7.78 -16.74 0.82
C CYS A 238 -7.78 -16.80 2.37
N PRO A 239 -7.98 -17.99 2.93
CA PRO A 239 -7.72 -18.20 4.34
C PRO A 239 -6.27 -18.07 4.73
N LEU A 240 -5.90 -17.25 5.71
CA LEU A 240 -4.55 -17.33 6.32
C LEU A 240 -4.49 -18.38 7.43
N TYR A 241 -3.28 -18.77 7.83
CA TYR A 241 -3.04 -19.76 8.87
C TYR A 241 -1.75 -19.39 9.48
N GLU A 242 -1.77 -18.99 10.75
CA GLU A 242 -0.54 -18.52 11.42
C GLU A 242 0.49 -19.64 11.52
N ALA A 243 1.69 -19.24 11.97
CA ALA A 243 2.80 -20.19 12.08
C ALA A 243 2.42 -21.55 12.73
N ASN A 244 1.66 -21.52 13.82
CA ASN A 244 1.22 -22.75 14.55
C ASN A 244 0.30 -23.73 13.78
N GLY A 245 -0.49 -23.23 12.82
CA GLY A 245 -1.52 -24.03 12.17
C GLY A 245 -2.93 -23.49 12.25
N GLN A 246 -3.14 -22.40 12.98
CA GLN A 246 -4.48 -21.98 13.36
C GLN A 246 -4.97 -20.87 12.47
N ALA A 247 -6.10 -21.13 11.82
CA ALA A 247 -6.78 -20.10 11.02
C ALA A 247 -6.83 -18.76 11.75
N VAL A 248 -6.54 -17.70 11.03
CA VAL A 248 -6.58 -16.37 11.59
C VAL A 248 -8.06 -15.97 11.72
N PRO A 249 -8.49 -15.51 12.90
CA PRO A 249 -9.92 -15.15 13.05
C PRO A 249 -10.38 -14.02 12.12
N LYS A 250 -11.59 -14.13 11.54
CA LYS A 250 -12.14 -13.08 10.66
C LYS A 250 -12.03 -11.66 11.21
N GLU A 251 -12.07 -11.52 12.54
CA GLU A 251 -11.81 -10.25 13.22
C GLU A 251 -10.47 -9.66 12.79
N LYS A 252 -9.36 -10.39 13.00
CA LYS A 252 -7.97 -9.94 12.68
C LYS A 252 -7.78 -9.75 11.18
N ASP A 253 -8.05 -10.83 10.45
CA ASP A 253 -7.79 -10.87 9.04
C ASP A 253 -8.24 -9.58 8.39
N GLU A 254 -9.48 -9.20 8.66
CA GLU A 254 -10.07 -8.00 8.09
C GLU A 254 -9.42 -6.74 8.61
N MET A 255 -9.01 -6.73 9.88
CA MET A 255 -8.35 -5.55 10.48
C MET A 255 -6.97 -5.29 9.92
N VAL A 256 -6.19 -6.36 9.77
CA VAL A 256 -4.81 -6.22 9.30
C VAL A 256 -4.85 -5.82 7.82
N GLU A 257 -5.69 -6.52 7.05
CA GLU A 257 -5.86 -6.24 5.64
C GLU A 257 -6.19 -4.78 5.41
N GLN A 258 -7.20 -4.28 6.09
CA GLN A 258 -7.51 -2.86 6.02
C GLN A 258 -6.25 -2.02 6.34
N GLU A 259 -5.44 -2.44 7.30
CA GLU A 259 -4.29 -1.65 7.72
C GLU A 259 -3.23 -1.65 6.61
N PHE A 260 -3.03 -2.85 6.03
CA PHE A 260 -2.18 -3.01 4.82
C PHE A 260 -2.56 -2.00 3.76
N ASN A 261 -3.82 -1.99 3.39
CA ASN A 261 -4.30 -1.08 2.36
C ASN A 261 -4.11 0.39 2.66
N ARG A 262 -4.18 0.72 3.94
CA ARG A 262 -4.02 2.10 4.41
C ARG A 262 -2.58 2.48 4.41
N LEU A 263 -1.74 1.55 4.85
CA LEU A 263 -0.31 1.76 4.77
C LEU A 263 0.11 2.04 3.33
N LEU A 264 -0.46 1.27 2.38
CA LEU A 264 -0.16 1.50 0.97
C LEU A 264 -0.61 2.84 0.52
N GLU A 265 -1.90 3.17 0.68
CA GLU A 265 -2.33 4.52 0.26
C GLU A 265 -1.47 5.62 0.89
N ALA A 266 -1.00 5.38 2.10
CA ALA A 266 -0.10 6.28 2.78
C ALA A 266 1.19 6.52 2.02
N THR A 267 1.78 5.42 1.56
CA THR A 267 3.03 5.50 0.79
C THR A 267 2.78 6.34 -0.43
N SER A 268 1.63 6.12 -1.08
CA SER A 268 1.28 6.97 -2.20
C SER A 268 1.17 8.44 -1.80
N TYR A 269 0.52 8.71 -0.66
CA TYR A 269 0.45 10.06 -0.11
C TYR A 269 1.88 10.66 0.07
N LEU A 270 2.77 9.92 0.75
CA LEU A 270 4.13 10.42 0.94
C LEU A 270 4.77 10.79 -0.38
N SER A 271 4.54 9.92 -1.37
CA SER A 271 5.18 10.04 -2.66
C SER A 271 4.69 11.25 -3.40
N HIS A 272 3.38 11.32 -3.62
CA HIS A 272 2.78 12.33 -4.51
C HIS A 272 2.47 13.63 -3.79
N GLN A 273 2.01 13.55 -2.55
CA GLN A 273 1.66 14.75 -1.80
C GLN A 273 2.85 15.40 -1.09
N LEU A 274 3.73 14.63 -0.47
CA LEU A 274 4.87 15.24 0.24
C LEU A 274 6.20 15.18 -0.53
N ASP A 275 6.18 14.81 -1.82
CA ASP A 275 7.40 14.55 -2.62
C ASP A 275 8.51 13.79 -1.80
N PHE A 276 8.12 12.65 -1.23
CA PHE A 276 9.05 11.84 -0.43
C PHE A 276 9.72 10.78 -1.33
N ASN A 277 10.27 11.21 -2.45
CA ASN A 277 10.80 10.27 -3.42
C ASN A 277 12.29 10.10 -3.30
N VAL A 278 12.99 11.08 -2.75
CA VAL A 278 14.42 10.92 -2.53
C VAL A 278 14.81 11.23 -1.10
N LEU A 279 15.50 10.31 -0.45
CA LEU A 279 16.02 10.48 0.91
C LEU A 279 17.51 10.24 0.92
N ASN A 280 18.27 11.25 1.33
CA ASN A 280 19.72 11.32 1.07
C ASN A 280 19.90 11.49 -0.42
N ASN A 281 21.06 11.15 -0.93
CA ASN A 281 21.22 11.14 -2.37
C ASN A 281 20.40 10.03 -3.03
N LYS A 282 20.17 8.95 -2.32
CA LYS A 282 19.56 7.75 -2.91
C LYS A 282 18.05 7.89 -3.11
N PRO A 283 17.48 7.23 -4.16
CA PRO A 283 16.03 7.24 -4.32
C PRO A 283 15.29 6.30 -3.36
N VAL A 284 14.09 6.67 -2.97
CA VAL A 284 13.36 5.95 -1.96
C VAL A 284 12.62 4.74 -2.52
N SER A 285 12.68 3.63 -1.78
CA SER A 285 11.98 2.41 -2.15
C SER A 285 10.66 2.31 -1.46
N LEU A 286 9.74 1.54 -2.02
CA LEU A 286 8.45 1.32 -1.39
C LEU A 286 8.64 0.81 0.02
N GLY A 287 9.51 -0.18 0.17
CA GLY A 287 9.95 -0.65 1.48
C GLY A 287 10.36 0.41 2.52
N GLN A 288 11.23 1.37 2.19
CA GLN A 288 11.50 2.47 3.12
C GLN A 288 10.25 3.26 3.49
N ALA A 289 9.50 3.66 2.48
CA ALA A 289 8.25 4.35 2.71
C ALA A 289 7.30 3.57 3.62
N LEU A 290 7.23 2.27 3.50
CA LEU A 290 6.42 1.51 4.45
C LEU A 290 6.95 1.55 5.90
N GLU A 291 8.26 1.49 6.09
CA GLU A 291 8.82 1.61 7.43
C GLU A 291 8.48 2.98 7.99
N VAL A 292 8.76 4.02 7.22
CA VAL A 292 8.41 5.37 7.66
C VAL A 292 6.94 5.48 8.02
N VAL A 293 6.05 5.02 7.16
CA VAL A 293 4.64 5.12 7.50
C VAL A 293 4.36 4.34 8.80
N ILE A 294 4.86 3.12 8.90
CA ILE A 294 4.63 2.35 10.10
C ILE A 294 5.17 3.05 11.35
N GLN A 295 6.38 3.54 11.31
CA GLN A 295 6.95 4.25 12.46
C GLN A 295 6.09 5.42 12.92
N LEU A 296 5.61 6.22 11.98
CA LEU A 296 4.69 7.31 12.30
C LEU A 296 3.36 6.82 12.90
N GLN A 297 2.89 5.65 12.55
CA GLN A 297 1.69 5.15 13.21
C GLN A 297 2.05 4.79 14.65
N GLU A 298 3.05 3.93 14.84
CA GLU A 298 3.62 3.67 16.17
C GLU A 298 3.80 4.96 17.00
N LYS A 299 4.40 5.98 16.40
CA LYS A 299 4.60 7.28 17.06
C LYS A 299 3.31 7.89 17.56
N HIS A 300 2.37 8.12 16.67
CA HIS A 300 1.03 8.54 17.06
C HIS A 300 0.37 7.69 18.17
N VAL A 301 0.55 6.38 18.20
CA VAL A 301 0.03 5.59 19.33
C VAL A 301 0.61 6.08 20.68
N LYS A 302 1.93 6.27 20.71
CA LYS A 302 2.61 6.88 21.85
C LYS A 302 2.15 8.32 22.10
N ASP A 303 2.27 9.20 21.12
CA ASP A 303 1.81 10.59 21.29
C ASP A 303 0.41 10.73 21.92
N GLU A 304 -0.50 9.77 21.66
CA GLU A 304 -1.88 9.80 22.19
C GLU A 304 -1.97 9.23 23.60
N GLN A 305 -1.15 8.23 23.90
CA GLN A 305 -1.00 7.81 25.30
C GLN A 305 -0.38 8.89 26.20
N ILE A 306 0.72 9.48 25.75
CA ILE A 306 1.32 10.60 26.45
C ILE A 306 0.24 11.64 26.79
N GLU A 307 -0.47 12.16 25.81
CA GLU A 307 -1.55 13.14 26.08
C GLU A 307 -2.69 12.65 26.97
N HIS A 308 -2.97 11.36 27.01
CA HIS A 308 -4.03 10.79 27.86
C HIS A 308 -3.63 10.76 29.30
N TRP A 309 -2.47 10.16 29.57
CA TRP A 309 -1.92 10.17 30.91
C TRP A 309 -1.54 11.61 31.36
N LYS A 310 -1.05 12.47 30.47
CA LYS A 310 -0.88 13.89 30.82
C LYS A 310 -2.17 14.58 31.28
N LYS A 311 -3.34 14.11 30.86
CA LYS A 311 -4.62 14.60 31.42
C LYS A 311 -4.84 14.02 32.79
N ILE A 312 -4.57 12.74 32.96
CA ILE A 312 -4.73 12.15 34.26
C ILE A 312 -3.88 12.91 35.31
N VAL A 313 -2.59 13.16 35.05
CA VAL A 313 -1.76 13.88 36.04
C VAL A 313 -2.26 15.27 36.35
N LYS A 314 -2.73 15.99 35.34
CA LYS A 314 -3.16 17.38 35.56
C LYS A 314 -4.40 17.40 36.41
N THR A 315 -5.23 16.36 36.30
CA THR A 315 -6.44 16.24 37.09
C THR A 315 -6.07 15.74 38.48
N GLN A 316 -5.20 14.75 38.54
CA GLN A 316 -4.62 14.26 39.81
C GLN A 316 -3.91 15.40 40.60
N GLU A 317 -3.28 16.35 39.91
CA GLU A 317 -2.72 17.55 40.54
C GLU A 317 -3.75 18.58 40.99
N GLU A 318 -4.87 18.71 40.26
CA GLU A 318 -5.99 19.51 40.73
C GLU A 318 -6.54 18.95 42.04
N LEU A 319 -6.68 17.63 42.11
CA LEU A 319 -7.22 16.97 43.27
C LEU A 319 -6.25 17.11 44.45
N LYS A 320 -4.96 17.05 44.19
CA LYS A 320 -3.94 17.31 45.21
C LYS A 320 -4.16 18.69 45.82
N GLU A 321 -4.15 19.74 45.01
CA GLU A 321 -4.40 21.10 45.52
C GLU A 321 -5.73 21.27 46.25
N LEU A 322 -6.76 20.58 45.78
CA LEU A 322 -8.06 20.59 46.43
C LEU A 322 -8.03 19.91 47.79
N LEU A 323 -7.41 18.74 47.86
CA LEU A 323 -7.28 18.06 49.13
C LEU A 323 -6.45 18.85 50.16
N ASN A 324 -5.32 19.44 49.78
CA ASN A 324 -4.56 20.36 50.66
C ASN A 324 -5.42 21.51 51.14
N LYS A 325 -6.18 22.11 50.24
CA LYS A 325 -7.09 23.16 50.67
C LYS A 325 -8.06 22.59 51.70
N MET A 326 -8.56 21.39 51.45
CA MET A 326 -9.53 20.73 52.33
C MET A 326 -9.02 20.30 53.70
N VAL A 327 -7.72 20.03 53.80
CA VAL A 327 -7.10 19.62 55.07
C VAL A 327 -6.89 20.87 55.93
N ASN A 328 -6.33 21.92 55.34
CA ASN A 328 -6.20 23.23 56.04
C ASN A 328 -7.50 23.87 56.39
N LEU A 329 -8.56 23.48 55.72
CA LEU A 329 -9.85 23.96 56.06
C LEU A 329 -10.37 23.16 57.25
N LYS A 330 -10.30 21.83 57.19
CA LYS A 330 -10.67 21.00 58.34
C LYS A 330 -9.91 21.43 59.61
N GLU A 331 -8.61 21.69 59.48
CA GLU A 331 -7.80 22.09 60.62
C GLU A 331 -8.28 23.43 61.22
N LYS A 332 -8.55 24.45 60.40
CA LYS A 332 -9.14 25.73 60.90
C LYS A 332 -10.53 25.50 61.52
N ILE A 333 -11.30 24.58 60.96
CA ILE A 333 -12.62 24.27 61.48
C ILE A 333 -12.53 23.64 62.87
N LYS A 334 -11.66 22.64 63.04
CA LYS A 334 -11.36 22.13 64.39
C LYS A 334 -11.02 23.26 65.39
N GLU A 335 -10.10 24.12 65.00
CA GLU A 335 -9.62 25.22 65.84
C GLU A 335 -10.72 26.19 66.29
N LEU A 336 -11.58 26.58 65.36
CA LEU A 336 -12.77 27.39 65.69
C LEU A 336 -13.76 26.71 66.59
N HIS A 337 -14.03 25.45 66.32
CA HIS A 337 -15.05 24.74 67.08
C HIS A 337 -14.62 24.72 68.53
N GLN A 338 -13.33 24.49 68.75
CA GLN A 338 -12.73 24.69 70.06
C GLN A 338 -13.10 26.06 70.62
N GLN A 339 -12.70 27.11 69.92
CA GLN A 339 -12.93 28.45 70.42
C GLN A 339 -14.40 28.78 70.69
N TYR A 340 -15.31 28.29 69.87
CA TYR A 340 -16.73 28.43 70.12
C TYR A 340 -17.11 27.71 71.40
N LYS A 341 -16.57 26.51 71.61
CA LYS A 341 -16.83 25.79 72.87
C LYS A 341 -16.39 26.65 74.08
N GLU A 342 -15.12 27.09 74.10
CA GLU A 342 -14.55 27.97 75.13
C GLU A 342 -15.37 29.24 75.42
N ALA A 343 -15.98 29.79 74.40
CA ALA A 343 -16.71 31.02 74.52
C ALA A 343 -18.10 30.71 74.96
N SER A 344 -18.63 29.55 74.60
CA SER A 344 -19.94 29.10 75.09
C SER A 344 -19.94 28.63 76.56
N GLU A 345 -18.75 28.30 77.10
CA GLU A 345 -18.50 28.16 78.57
C GLU A 345 -19.08 29.34 79.32
N VAL A 346 -18.71 30.53 78.89
CA VAL A 346 -19.13 31.75 79.57
C VAL A 346 -20.64 31.88 79.51
N LYS A 347 -21.31 31.62 80.63
CA LYS A 347 -22.74 31.38 80.65
C LYS A 347 -23.55 32.65 80.72
N PRO A 348 -24.77 32.63 80.17
CA PRO A 348 -25.66 33.76 80.29
C PRO A 348 -25.98 34.06 81.74
N PRO A 349 -26.45 35.26 82.06
CA PRO A 349 -26.50 36.38 81.13
C PRO A 349 -25.08 37.01 81.09
N ARG A 350 -24.64 37.36 79.89
CA ARG A 350 -23.25 37.76 79.71
C ARG A 350 -23.18 39.05 78.99
N ASP A 351 -22.06 39.73 79.10
CA ASP A 351 -21.93 41.01 78.42
C ASP A 351 -21.92 40.78 76.93
N ILE A 352 -22.05 41.88 76.23
CA ILE A 352 -22.31 41.84 74.81
C ILE A 352 -21.09 41.47 73.99
N THR A 353 -19.90 41.77 74.48
CA THR A 353 -18.71 41.34 73.76
C THR A 353 -18.60 39.81 73.81
N ALA A 354 -18.85 39.20 74.97
CA ALA A 354 -18.90 37.75 75.04
C ALA A 354 -20.07 37.10 74.29
N GLU A 355 -21.17 37.82 74.12
CA GLU A 355 -22.28 37.33 73.29
C GLU A 355 -21.87 37.34 71.85
N PHE A 356 -21.28 38.47 71.46
CA PHE A 356 -20.74 38.64 70.14
C PHE A 356 -19.75 37.54 69.79
N LEU A 357 -18.81 37.28 70.69
CA LEU A 357 -17.78 36.29 70.45
C LEU A 357 -18.37 34.93 70.09
N VAL A 358 -19.35 34.49 70.86
CA VAL A 358 -20.04 33.26 70.59
C VAL A 358 -20.72 33.24 69.21
N LYS A 359 -21.43 34.30 68.87
CA LYS A 359 -22.15 34.34 67.60
C LYS A 359 -21.20 34.52 66.43
N SER A 360 -20.22 35.39 66.62
CA SER A 360 -19.19 35.68 65.65
C SER A 360 -18.43 34.39 65.26
N LYS A 361 -17.97 33.63 66.24
CA LYS A 361 -17.34 32.36 65.97
C LYS A 361 -18.29 31.37 65.33
N HIS A 362 -19.58 31.46 65.59
CA HIS A 362 -20.53 30.49 65.07
C HIS A 362 -20.80 30.72 63.59
N ARG A 363 -20.88 31.98 63.17
CA ARG A 363 -21.04 32.23 61.74
C ARG A 363 -19.76 31.81 61.01
N ASP A 364 -18.61 32.26 61.51
CA ASP A 364 -17.31 31.98 60.90
C ASP A 364 -17.08 30.50 60.70
N LEU A 365 -17.49 29.72 61.70
CA LEU A 365 -17.40 28.30 61.60
C LEU A 365 -18.38 27.79 60.55
N THR A 366 -19.67 28.19 60.57
CA THR A 366 -20.58 27.66 59.53
C THR A 366 -20.21 28.14 58.11
N ALA A 367 -19.62 29.34 57.97
CA ALA A 367 -19.00 29.78 56.69
C ALA A 367 -17.92 28.85 56.14
N LEU A 368 -17.02 28.39 57.01
CA LEU A 368 -16.02 27.40 56.61
C LEU A 368 -16.63 26.03 56.35
N CYS A 369 -17.59 25.61 57.16
CA CYS A 369 -18.31 24.37 56.88
C CYS A 369 -19.06 24.39 55.56
N LYS A 370 -19.63 25.55 55.21
CA LYS A 370 -20.21 25.74 53.87
C LYS A 370 -19.11 25.56 52.80
N GLU A 371 -18.01 26.30 52.94
CA GLU A 371 -16.87 26.26 52.00
C GLU A 371 -16.29 24.85 51.81
N TYR A 372 -16.16 24.09 52.90
CA TYR A 372 -15.65 22.71 52.85
C TYR A 372 -16.61 21.80 52.12
N ASP A 373 -17.91 22.02 52.28
CA ASP A 373 -18.88 21.21 51.55
C ASP A 373 -18.81 21.46 50.05
N GLU A 374 -18.59 22.72 49.67
CA GLU A 374 -18.35 23.08 48.28
C GLU A 374 -17.13 22.34 47.74
N LEU A 375 -15.99 22.52 48.39
CA LEU A 375 -14.76 21.78 48.04
C LEU A 375 -14.90 20.26 48.01
N ALA A 376 -15.79 19.67 48.78
CA ALA A 376 -15.97 18.23 48.76
C ALA A 376 -16.96 17.76 47.69
N GLU A 377 -17.72 18.67 47.08
CA GLU A 377 -18.51 18.33 45.89
C GLU A 377 -17.59 18.25 44.71
N THR A 378 -16.87 19.34 44.44
CA THR A 378 -15.72 19.34 43.53
C THR A 378 -14.84 18.07 43.59
N GLN A 379 -14.45 17.66 44.79
CA GLN A 379 -13.65 16.45 44.97
C GLN A 379 -14.25 15.20 44.30
N GLY A 380 -15.54 14.97 44.49
CA GLY A 380 -16.22 13.81 43.91
C GLY A 380 -16.39 13.88 42.39
N LYS A 381 -16.40 15.10 41.83
CA LYS A 381 -16.36 15.34 40.37
C LYS A 381 -15.00 14.98 39.79
N LEU A 382 -13.95 15.61 40.31
CA LEU A 382 -12.57 15.26 39.96
C LEU A 382 -12.30 13.76 40.09
N GLU A 383 -12.85 13.12 41.10
CA GLU A 383 -12.68 11.67 41.28
C GLU A 383 -13.47 10.85 40.26
N GLU A 384 -14.58 11.39 39.74
CA GLU A 384 -15.38 10.72 38.69
C GLU A 384 -14.74 10.98 37.33
N LYS A 385 -14.38 12.24 37.05
CA LYS A 385 -13.52 12.55 35.89
C LYS A 385 -12.25 11.65 35.77
N LEU A 386 -11.65 11.22 36.87
CA LEU A 386 -10.53 10.27 36.84
C LEU A 386 -10.94 8.80 36.70
N GLN A 387 -12.13 8.42 37.15
CA GLN A 387 -12.63 7.05 36.89
C GLN A 387 -12.93 6.91 35.41
N GLU A 388 -13.46 7.97 34.81
CA GLU A 388 -13.66 8.02 33.37
C GLU A 388 -12.35 7.85 32.61
N LEU A 389 -11.31 8.60 32.98
CA LEU A 389 -10.07 8.58 32.21
C LEU A 389 -9.36 7.24 32.32
N GLU A 390 -9.26 6.66 33.51
CA GLU A 390 -8.73 5.29 33.61
C GLU A 390 -9.60 4.22 32.89
N ALA A 391 -10.88 4.54 32.60
CA ALA A 391 -11.77 3.65 31.83
C ALA A 391 -11.51 3.66 30.32
N ASN A 392 -11.32 4.85 29.73
CA ASN A 392 -11.10 5.03 28.27
C ASN A 392 -9.67 5.40 27.86
N PRO A 393 -8.69 4.48 28.06
CA PRO A 393 -7.37 4.81 27.53
C PRO A 393 -7.31 4.53 26.03
N PRO A 394 -6.57 5.36 25.24
CA PRO A 394 -6.39 5.01 23.83
C PRO A 394 -5.67 3.68 23.70
N SER A 395 -5.52 3.18 22.46
CA SER A 395 -5.00 1.82 22.29
C SER A 395 -3.50 1.78 22.61
N ASP A 396 -3.13 0.60 23.05
CA ASP A 396 -1.93 0.31 23.81
C ASP A 396 -0.71 0.19 22.85
N VAL A 397 -0.95 -0.44 21.69
CA VAL A 397 0.05 -0.62 20.62
C VAL A 397 -0.53 -0.29 19.25
N TYR A 398 0.38 -0.06 18.28
CA TYR A 398 -0.01 -0.01 16.87
C TYR A 398 -0.35 -1.40 16.34
N LEU A 399 0.56 -2.37 16.50
CA LEU A 399 0.31 -3.76 16.09
C LEU A 399 1.00 -4.79 17.01
N SER A 400 0.27 -5.83 17.41
CA SER A 400 0.90 -6.91 18.15
C SER A 400 1.88 -7.62 17.25
N SER A 401 2.73 -8.47 17.80
CA SER A 401 3.55 -9.38 17.00
C SER A 401 2.71 -10.23 16.08
N ARG A 402 1.59 -10.70 16.60
CA ARG A 402 0.69 -11.57 15.88
C ARG A 402 0.08 -10.78 14.70
N ASP A 403 -0.18 -9.49 14.91
CA ASP A 403 -0.70 -8.61 13.84
C ASP A 403 0.37 -8.36 12.79
N ARG A 404 1.51 -7.83 13.23
CA ARG A 404 2.66 -7.53 12.38
C ARG A 404 3.16 -8.73 11.52
N GLN A 405 2.88 -9.96 11.92
CA GLN A 405 3.13 -11.13 11.08
C GLN A 405 2.10 -11.34 10.02
N ILE A 406 0.84 -11.14 10.37
CA ILE A 406 -0.21 -11.19 9.37
C ILE A 406 0.07 -10.08 8.32
N LEU A 407 0.46 -8.89 8.77
CA LEU A 407 0.81 -7.80 7.87
C LEU A 407 1.95 -8.18 6.92
N ASP A 408 2.93 -8.93 7.44
CA ASP A 408 4.05 -9.38 6.62
C ASP A 408 3.63 -10.32 5.55
N TRP A 409 2.61 -11.11 5.81
CA TRP A 409 2.03 -11.92 4.77
C TRP A 409 1.48 -11.05 3.64
N HIS A 410 0.80 -9.95 3.98
CA HIS A 410 0.29 -9.04 2.97
C HIS A 410 1.46 -8.43 2.18
N PHE A 411 2.50 -8.04 2.89
CA PHE A 411 3.71 -7.60 2.23
C PHE A 411 4.37 -8.70 1.37
N ALA A 412 4.41 -9.93 1.86
CA ALA A 412 4.85 -11.06 1.02
C ALA A 412 4.02 -11.14 -0.24
N ASN A 413 2.73 -10.96 -0.12
CA ASN A 413 1.87 -11.07 -1.27
C ASN A 413 2.28 -10.08 -2.34
N LEU A 414 2.71 -8.90 -1.92
CA LEU A 414 3.07 -7.85 -2.81
C LEU A 414 4.43 -8.11 -3.43
N GLU A 415 5.34 -8.69 -2.65
CA GLU A 415 6.64 -9.13 -3.12
C GLU A 415 6.56 -10.26 -4.14
N PHE A 416 5.56 -11.10 -3.94
CA PHE A 416 5.26 -12.14 -4.91
C PHE A 416 4.84 -11.52 -6.22
N ALA A 417 3.90 -10.63 -6.20
CA ALA A 417 3.46 -10.00 -7.44
C ALA A 417 4.49 -9.15 -8.19
N ASN A 418 5.37 -8.49 -7.46
CA ASN A 418 6.40 -7.70 -8.09
C ASN A 418 7.65 -8.49 -8.27
N ALA A 419 7.60 -9.75 -7.91
CA ALA A 419 8.77 -10.63 -7.88
C ALA A 419 10.05 -9.99 -7.33
N THR A 420 9.97 -9.22 -6.27
CA THR A 420 11.16 -8.62 -5.69
C THR A 420 10.87 -8.20 -4.26
N PRO A 421 11.92 -8.05 -3.44
CA PRO A 421 11.71 -7.47 -2.16
C PRO A 421 11.25 -6.02 -2.31
N LEU A 422 10.36 -5.58 -1.43
CA LEU A 422 9.83 -4.23 -1.51
C LEU A 422 10.90 -3.15 -1.29
N SER A 423 12.05 -3.51 -0.74
CA SER A 423 13.16 -2.59 -0.57
C SER A 423 13.85 -2.20 -1.84
N THR A 424 13.56 -2.95 -2.91
CA THR A 424 14.08 -2.72 -4.25
C THR A 424 13.14 -1.85 -5.12
N LEU A 425 11.80 -1.93 -4.89
CA LEU A 425 10.80 -1.21 -5.72
C LEU A 425 10.91 0.31 -5.66
N SER A 426 10.72 1.00 -6.77
CA SER A 426 10.63 2.47 -6.75
C SER A 426 9.36 2.84 -6.00
N LEU A 427 9.48 3.71 -5.02
CA LEU A 427 8.30 4.26 -4.39
C LEU A 427 7.46 4.96 -5.44
N LYS A 428 8.11 5.84 -6.20
CA LYS A 428 7.41 6.68 -7.13
C LYS A 428 6.74 5.91 -8.26
N HIS A 429 7.42 4.89 -8.79
CA HIS A 429 6.98 4.27 -10.04
C HIS A 429 6.61 2.81 -9.99
N TRP A 430 6.67 2.19 -8.84
CA TRP A 430 6.41 0.75 -8.82
C TRP A 430 5.07 0.39 -9.41
N ASP A 431 4.06 1.25 -9.31
CA ASP A 431 2.69 0.95 -9.72
C ASP A 431 2.34 1.69 -11.01
N GLN A 432 3.32 2.24 -11.73
CA GLN A 432 3.07 3.05 -12.96
C GLN A 432 2.12 2.40 -14.02
N ASP A 433 2.20 1.09 -14.12
CA ASP A 433 1.31 0.32 -14.98
C ASP A 433 -0.10 0.08 -14.42
N ASP A 434 -0.46 0.72 -13.30
CA ASP A 434 -1.74 0.42 -12.66
C ASP A 434 -2.92 0.88 -13.52
N ASP A 435 -2.77 2.08 -14.10
CA ASP A 435 -3.74 2.62 -15.02
C ASP A 435 -4.22 1.68 -16.17
N PHE A 436 -3.48 0.61 -16.46
CA PHE A 436 -3.77 -0.22 -17.61
C PHE A 436 -4.27 -1.59 -17.22
N GLU A 437 -4.69 -1.72 -15.97
CA GLU A 437 -5.11 -3.02 -15.50
C GLU A 437 -6.33 -3.49 -16.31
N PHE A 438 -6.38 -4.76 -16.62
CA PHE A 438 -7.56 -5.29 -17.31
C PHE A 438 -8.77 -5.59 -16.36
N THR A 439 -9.96 -5.50 -16.95
CA THR A 439 -11.18 -5.86 -16.26
C THR A 439 -11.55 -7.34 -16.47
N GLY A 440 -12.19 -7.95 -15.49
CA GLY A 440 -12.58 -9.37 -15.56
C GLY A 440 -11.89 -10.08 -14.45
N SER A 441 -12.38 -11.25 -14.06
CA SER A 441 -11.68 -11.98 -13.04
C SER A 441 -10.42 -12.58 -13.65
N HIS A 442 -9.45 -12.81 -12.78
CA HIS A 442 -8.23 -13.51 -13.08
C HIS A 442 -8.54 -14.99 -13.27
N LEU A 443 -7.78 -15.63 -14.16
CA LEU A 443 -8.03 -16.98 -14.62
C LEU A 443 -6.76 -17.79 -14.59
N THR A 444 -6.88 -19.11 -14.63
CA THR A 444 -5.69 -19.93 -14.80
C THR A 444 -5.89 -20.74 -16.00
N VAL A 445 -4.76 -21.15 -16.57
CA VAL A 445 -4.79 -22.02 -17.69
C VAL A 445 -4.59 -23.35 -17.07
N ARG A 446 -5.51 -24.22 -17.43
CA ARG A 446 -5.82 -25.39 -16.67
C ARG A 446 -5.20 -26.65 -17.30
N ASN A 447 -5.26 -26.75 -18.61
CA ASN A 447 -4.38 -27.65 -19.37
C ASN A 447 -2.94 -27.13 -19.51
N GLY A 448 -2.56 -26.04 -18.81
CA GLY A 448 -1.15 -25.61 -18.74
C GLY A 448 -0.83 -24.61 -19.83
N TYR A 449 -0.11 -23.54 -19.46
CA TYR A 449 -0.02 -22.30 -20.28
C TYR A 449 0.88 -22.51 -21.52
N SER A 450 1.70 -23.57 -21.52
CA SER A 450 2.53 -23.92 -22.67
C SER A 450 1.71 -24.15 -23.92
N CYS A 451 0.49 -24.62 -23.75
CA CYS A 451 -0.41 -24.77 -24.87
C CYS A 451 -0.35 -23.56 -25.84
N VAL A 452 -0.08 -22.35 -25.31
CA VAL A 452 0.02 -21.11 -26.13
C VAL A 452 1.31 -20.97 -26.98
N PRO A 453 2.51 -20.90 -26.35
CA PRO A 453 3.73 -20.88 -27.13
C PRO A 453 3.73 -21.96 -28.19
N VAL A 454 3.37 -23.14 -27.75
CA VAL A 454 3.45 -24.30 -28.59
C VAL A 454 2.56 -24.14 -29.82
N ALA A 455 1.39 -23.58 -29.61
CA ALA A 455 0.52 -23.26 -30.71
C ALA A 455 1.17 -22.24 -31.63
N LEU A 456 1.71 -21.16 -31.06
CA LEU A 456 2.30 -20.05 -31.84
C LEU A 456 3.48 -20.49 -32.72
N ALA A 457 4.21 -21.48 -32.22
CA ALA A 457 5.32 -22.05 -32.96
C ALA A 457 4.96 -22.88 -34.19
N GLU A 458 3.68 -23.12 -34.44
CA GLU A 458 3.30 -23.94 -35.60
C GLU A 458 3.64 -23.21 -36.86
N GLY A 459 4.58 -23.75 -37.61
CA GLY A 459 4.88 -23.25 -38.92
C GLY A 459 6.07 -22.32 -38.97
N LEU A 460 6.76 -22.24 -37.85
CA LEU A 460 7.89 -21.36 -37.71
C LEU A 460 9.13 -22.18 -37.72
N ASP A 461 10.22 -21.52 -38.08
CA ASP A 461 11.53 -22.15 -38.17
C ASP A 461 12.31 -21.86 -36.90
N ILE A 462 12.28 -22.81 -36.00
CA ILE A 462 12.87 -22.62 -34.71
C ILE A 462 14.09 -23.54 -34.58
N LYS A 463 15.27 -23.01 -34.31
CA LYS A 463 16.42 -23.84 -33.99
C LYS A 463 16.51 -23.99 -32.50
N LEU A 464 16.17 -25.18 -31.98
CA LEU A 464 16.33 -25.43 -30.54
C LEU A 464 17.76 -25.76 -30.21
N ASN A 465 18.08 -25.77 -28.94
CA ASN A 465 19.44 -26.04 -28.49
C ASN A 465 20.51 -25.27 -29.21
N THR A 466 20.20 -24.00 -29.48
CA THR A 466 21.05 -23.10 -30.18
C THR A 466 21.23 -21.87 -29.30
N ALA A 467 22.37 -21.77 -28.67
CA ALA A 467 22.63 -20.67 -27.77
C ALA A 467 23.40 -19.56 -28.51
N VAL A 468 22.72 -18.45 -28.75
CA VAL A 468 23.40 -17.31 -29.28
C VAL A 468 24.53 -16.92 -28.34
N ARG A 469 25.70 -16.68 -28.91
CA ARG A 469 26.84 -16.19 -28.14
C ARG A 469 27.28 -14.81 -28.56
N GLN A 470 27.12 -14.45 -29.81
CA GLN A 470 27.56 -13.15 -30.26
C GLN A 470 26.60 -12.60 -31.29
N VAL A 471 26.32 -11.31 -31.19
CA VAL A 471 25.50 -10.62 -32.19
C VAL A 471 26.33 -9.48 -32.81
N ARG A 472 26.46 -9.57 -34.14
CA ARG A 472 27.19 -8.63 -34.95
C ARG A 472 26.26 -7.91 -35.90
N TYR A 473 26.35 -6.59 -35.90
CA TYR A 473 25.42 -5.77 -36.67
C TYR A 473 26.22 -4.59 -37.24
N THR A 474 26.14 -4.51 -38.57
CA THR A 474 26.91 -3.57 -39.34
C THR A 474 26.03 -2.88 -40.33
N ALA A 475 26.60 -1.82 -40.89
CA ALA A 475 25.89 -1.12 -41.94
C ALA A 475 25.27 -2.04 -42.99
N SER A 476 25.90 -3.15 -43.37
CA SER A 476 25.37 -3.92 -44.49
C SER A 476 24.49 -5.07 -44.08
N GLY A 477 24.42 -5.36 -42.79
CA GLY A 477 23.58 -6.46 -42.29
C GLY A 477 24.11 -7.00 -40.96
N CYS A 478 23.60 -8.17 -40.56
CA CYS A 478 23.99 -8.79 -39.27
C CYS A 478 24.45 -10.22 -39.40
N GLU A 479 25.39 -10.60 -38.52
CA GLU A 479 25.67 -12.01 -38.27
C GLU A 479 25.52 -12.35 -36.81
N VAL A 480 24.81 -13.45 -36.59
CA VAL A 480 24.58 -14.00 -35.29
C VAL A 480 25.32 -15.30 -35.22
N ILE A 481 26.18 -15.43 -34.21
CA ILE A 481 27.00 -16.63 -33.95
C ILE A 481 26.51 -17.41 -32.75
N ALA A 482 26.01 -18.62 -33.00
CA ALA A 482 25.46 -19.51 -31.96
C ALA A 482 26.22 -20.84 -31.87
N VAL A 483 25.98 -21.59 -30.80
CA VAL A 483 26.57 -22.90 -30.59
C VAL A 483 25.50 -23.90 -30.22
N ASN A 484 25.81 -25.17 -30.41
CA ASN A 484 24.93 -26.24 -29.97
C ASN A 484 25.07 -26.39 -28.45
N THR A 485 23.93 -26.42 -27.75
CA THR A 485 23.94 -26.38 -26.28
C THR A 485 24.48 -27.69 -25.73
N ARG A 486 24.03 -28.76 -26.37
CA ARG A 486 24.47 -30.14 -26.16
C ARG A 486 25.99 -30.29 -26.43
N SER A 487 26.45 -29.98 -27.65
CA SER A 487 27.88 -30.02 -28.04
C SER A 487 28.52 -28.64 -28.32
N THR A 488 29.13 -27.99 -27.33
CA THR A 488 29.37 -26.52 -27.45
C THR A 488 30.47 -25.98 -28.35
N SER A 489 31.32 -26.83 -28.92
CA SER A 489 32.33 -26.34 -29.87
C SER A 489 31.80 -26.30 -31.32
N GLN A 490 30.69 -26.99 -31.56
CA GLN A 490 30.01 -26.97 -32.84
C GLN A 490 29.36 -25.60 -33.10
N THR A 491 29.85 -24.86 -34.08
CA THR A 491 29.46 -23.47 -34.28
C THR A 491 28.53 -23.21 -35.49
N PHE A 492 27.59 -22.30 -35.30
CA PHE A 492 26.63 -21.87 -36.32
C PHE A 492 26.72 -20.34 -36.55
N ILE A 493 26.41 -19.96 -37.77
CA ILE A 493 26.46 -18.57 -38.19
C ILE A 493 25.30 -18.21 -39.08
N TYR A 494 24.58 -17.20 -38.65
CA TYR A 494 23.36 -16.81 -39.30
C TYR A 494 23.56 -15.39 -39.75
N LYS A 495 23.36 -15.19 -41.04
CA LYS A 495 23.41 -13.87 -41.64
C LYS A 495 21.99 -13.39 -41.92
N CYS A 496 21.73 -12.12 -41.70
CA CYS A 496 20.40 -11.57 -41.87
C CYS A 496 20.43 -10.05 -41.97
N ASP A 497 19.29 -9.50 -42.42
CA ASP A 497 19.09 -8.06 -42.49
C ASP A 497 18.89 -7.39 -41.13
N ALA A 498 18.21 -8.09 -40.22
CA ALA A 498 17.88 -7.59 -38.86
C ALA A 498 17.85 -8.71 -37.83
N VAL A 499 18.27 -8.34 -36.63
CA VAL A 499 18.14 -9.21 -35.47
C VAL A 499 17.09 -8.61 -34.53
N LEU A 500 16.11 -9.43 -34.13
CA LEU A 500 15.22 -9.12 -33.02
C LEU A 500 15.66 -9.87 -31.77
N CYS A 501 16.26 -9.14 -30.83
CA CYS A 501 16.67 -9.69 -29.54
C CYS A 501 15.51 -9.76 -28.55
N THR A 502 15.08 -10.96 -28.15
CA THR A 502 14.12 -11.12 -27.03
C THR A 502 14.73 -11.78 -25.80
N LEU A 503 16.03 -11.63 -25.64
CA LEU A 503 16.73 -12.11 -24.47
C LEU A 503 16.16 -11.45 -23.25
N PRO A 504 15.87 -12.23 -22.20
CA PRO A 504 15.39 -11.70 -20.95
C PRO A 504 16.39 -10.76 -20.37
N LEU A 505 15.88 -9.85 -19.56
CA LEU A 505 16.66 -8.74 -19.03
C LEU A 505 17.71 -9.29 -18.10
N GLY A 506 17.40 -10.38 -17.41
CA GLY A 506 18.38 -11.06 -16.56
C GLY A 506 19.60 -11.52 -17.30
N VAL A 507 19.36 -12.10 -18.47
CA VAL A 507 20.43 -12.43 -19.41
C VAL A 507 21.21 -11.17 -19.88
N LEU A 508 20.50 -10.14 -20.31
CA LEU A 508 21.19 -8.94 -20.73
C LEU A 508 21.99 -8.34 -19.61
N LYS A 509 21.64 -8.58 -18.35
CA LYS A 509 22.40 -7.97 -17.24
C LYS A 509 23.62 -8.76 -16.80
N GLN A 510 23.70 -10.03 -17.23
CA GLN A 510 24.69 -10.95 -16.76
C GLN A 510 26.12 -10.40 -16.96
N GLN A 511 26.88 -10.40 -15.88
CA GLN A 511 28.32 -10.21 -15.94
C GLN A 511 28.98 -11.51 -15.43
N PRO A 512 29.90 -12.10 -16.21
CA PRO A 512 30.34 -11.60 -17.53
C PRO A 512 29.30 -11.91 -18.62
N PRO A 513 29.32 -11.14 -19.73
CA PRO A 513 28.21 -11.28 -20.67
C PRO A 513 28.05 -12.69 -21.18
N ALA A 514 26.83 -13.19 -21.25
CA ALA A 514 26.49 -14.42 -21.95
C ALA A 514 26.43 -14.28 -23.46
N VAL A 515 26.04 -13.10 -23.90
CA VAL A 515 25.92 -12.77 -25.29
C VAL A 515 26.66 -11.48 -25.47
N GLN A 516 27.41 -11.44 -26.54
CA GLN A 516 28.26 -10.33 -26.81
C GLN A 516 27.70 -9.55 -27.98
N PHE A 517 27.67 -8.23 -27.81
CA PHE A 517 27.24 -7.38 -28.90
C PHE A 517 28.45 -6.72 -29.58
N VAL A 518 28.40 -6.72 -30.91
CA VAL A 518 29.49 -6.24 -31.74
C VAL A 518 28.95 -5.41 -32.88
N PRO A 519 29.12 -4.09 -32.80
CA PRO A 519 29.76 -3.39 -31.66
C PRO A 519 28.94 -3.38 -30.39
N PRO A 520 29.60 -3.04 -29.28
CA PRO A 520 28.86 -3.04 -28.03
C PRO A 520 27.67 -2.08 -28.05
N LEU A 521 26.64 -2.42 -27.28
CA LEU A 521 25.48 -1.57 -27.12
C LEU A 521 25.92 -0.23 -26.53
N PRO A 522 25.24 0.85 -26.92
CA PRO A 522 25.58 2.18 -26.40
C PRO A 522 25.21 2.33 -24.95
N GLU A 523 25.87 3.30 -24.29
CA GLU A 523 25.68 3.57 -22.86
C GLU A 523 24.19 3.77 -22.54
N TRP A 524 23.46 4.45 -23.43
CA TRP A 524 22.06 4.74 -23.12
C TRP A 524 21.20 3.51 -22.90
N LYS A 525 21.49 2.49 -23.69
CA LYS A 525 20.87 1.19 -23.57
C LYS A 525 21.43 0.40 -22.40
N THR A 526 22.75 0.38 -22.22
CA THR A 526 23.33 -0.51 -21.19
C THR A 526 22.97 -0.02 -19.80
N SER A 527 22.91 1.31 -19.64
CA SER A 527 22.49 1.96 -18.37
C SER A 527 21.06 1.66 -18.01
N ALA A 528 20.18 1.61 -19.00
CA ALA A 528 18.82 1.22 -18.75
C ALA A 528 18.80 -0.23 -18.33
N VAL A 529 19.62 -1.06 -18.95
CA VAL A 529 19.67 -2.46 -18.54
C VAL A 529 20.12 -2.57 -17.08
N GLN A 530 21.08 -1.73 -16.73
CA GLN A 530 21.57 -1.73 -15.39
C GLN A 530 20.53 -1.17 -14.38
N ARG A 531 19.87 -0.07 -14.67
CA ARG A 531 18.89 0.49 -13.75
C ARG A 531 17.70 -0.41 -13.50
N MET A 532 17.24 -1.09 -14.53
CA MET A 532 16.02 -1.87 -14.42
C MET A 532 16.18 -3.03 -13.48
N GLY A 533 15.07 -3.44 -12.91
CA GLY A 533 15.04 -4.47 -11.94
C GLY A 533 14.70 -5.76 -12.60
N PHE A 534 15.37 -6.81 -12.20
CA PHE A 534 14.96 -8.12 -12.68
C PHE A 534 14.85 -9.01 -11.47
N GLY A 535 13.62 -9.37 -11.18
CA GLY A 535 13.31 -10.07 -9.97
C GLY A 535 13.31 -11.55 -10.12
N ASN A 536 12.65 -12.20 -9.16
CA ASN A 536 12.75 -13.64 -8.91
C ASN A 536 11.58 -14.11 -8.05
N LEU A 537 11.19 -15.35 -8.24
CA LEU A 537 9.96 -15.87 -7.69
C LEU A 537 9.92 -17.31 -8.05
N ASN A 538 9.81 -18.20 -7.06
CA ASN A 538 9.80 -19.63 -7.36
C ASN A 538 8.58 -20.38 -6.93
N LYS A 539 8.42 -21.57 -7.46
CA LYS A 539 7.22 -22.38 -7.22
C LYS A 539 7.65 -23.78 -6.80
N VAL A 540 6.87 -24.38 -5.92
CA VAL A 540 7.09 -25.77 -5.56
C VAL A 540 5.84 -26.51 -5.88
N VAL A 541 5.94 -27.52 -6.73
CA VAL A 541 4.79 -28.25 -7.18
C VAL A 541 4.76 -29.54 -6.41
N LEU A 542 3.62 -29.77 -5.74
CA LEU A 542 3.41 -30.92 -4.88
C LEU A 542 2.31 -31.76 -5.50
N CYS A 543 2.69 -32.93 -5.98
CA CYS A 543 1.73 -33.80 -6.61
C CYS A 543 1.35 -34.93 -5.66
N PHE A 544 0.07 -35.01 -5.34
CA PHE A 544 -0.42 -35.98 -4.39
C PHE A 544 -1.33 -37.01 -5.07
N ASP A 545 -1.57 -38.11 -4.35
CA ASP A 545 -2.52 -39.19 -4.77
C ASP A 545 -3.95 -38.89 -4.34
N ARG A 546 -4.14 -38.10 -3.28
CA ARG A 546 -5.48 -37.70 -2.85
C ARG A 546 -5.52 -36.23 -2.45
N VAL A 547 -6.67 -35.61 -2.72
CA VAL A 547 -6.96 -34.27 -2.22
C VAL A 547 -7.25 -34.28 -0.71
N PHE A 548 -6.47 -33.52 0.06
CA PHE A 548 -6.67 -33.32 1.51
C PHE A 548 -6.90 -31.89 1.95
N TRP A 549 -7.36 -31.03 1.07
CA TRP A 549 -7.45 -29.59 1.37
C TRP A 549 -8.85 -29.22 0.95
N ASP A 550 -9.26 -28.00 1.18
CA ASP A 550 -10.58 -27.63 0.76
C ASP A 550 -10.64 -27.43 -0.77
N PRO A 551 -11.33 -28.34 -1.50
CA PRO A 551 -11.48 -28.15 -2.96
C PRO A 551 -12.17 -26.90 -3.44
N SER A 552 -12.98 -26.26 -2.61
CA SER A 552 -13.66 -25.04 -3.02
C SER A 552 -12.79 -23.79 -2.82
N VAL A 553 -11.56 -23.99 -2.37
CA VAL A 553 -10.64 -22.90 -2.08
C VAL A 553 -9.44 -23.03 -3.03
N ASN A 554 -9.31 -22.04 -3.93
CA ASN A 554 -8.24 -21.99 -4.92
C ASN A 554 -6.92 -21.67 -4.29
N LEU A 555 -6.95 -20.88 -3.23
CA LEU A 555 -5.72 -20.56 -2.59
C LEU A 555 -5.82 -20.35 -1.08
N PHE A 556 -4.68 -20.41 -0.41
CA PHE A 556 -4.61 -20.22 1.02
C PHE A 556 -3.20 -19.91 1.50
N GLY A 557 -3.11 -19.05 2.50
CA GLY A 557 -1.85 -18.48 2.94
C GLY A 557 -1.30 -19.15 4.17
N HIS A 558 -0.02 -18.97 4.40
CA HIS A 558 0.64 -19.44 5.58
C HIS A 558 1.44 -18.29 6.08
N VAL A 559 1.31 -17.94 7.36
CA VAL A 559 2.00 -16.78 7.90
C VAL A 559 3.35 -17.20 8.46
N GLY A 560 4.39 -16.47 8.06
CA GLY A 560 5.75 -16.85 8.43
C GLY A 560 5.96 -16.42 9.85
N SER A 561 6.85 -17.14 10.53
CA SER A 561 7.37 -16.74 11.84
C SER A 561 7.89 -15.32 11.87
N THR A 562 8.82 -15.03 10.97
CA THR A 562 9.53 -13.76 10.98
C THR A 562 9.21 -13.01 9.72
N THR A 563 9.61 -11.74 9.74
CA THR A 563 9.65 -10.88 8.55
C THR A 563 10.57 -11.47 7.47
N ALA A 564 11.85 -11.66 7.85
CA ALA A 564 12.86 -12.20 6.97
C ALA A 564 12.44 -13.45 6.22
N SER A 565 11.51 -14.25 6.72
CA SER A 565 11.04 -15.43 5.99
C SER A 565 9.56 -15.30 5.58
N ARG A 566 9.09 -14.08 5.35
CA ARG A 566 7.67 -13.90 5.06
C ARG A 566 7.25 -14.39 3.71
N GLY A 567 8.15 -14.37 2.74
CA GLY A 567 7.85 -14.87 1.41
C GLY A 567 8.02 -16.36 1.28
N GLU A 568 8.55 -17.01 2.32
CA GLU A 568 8.90 -18.43 2.26
C GLU A 568 7.69 -19.33 2.42
N LEU A 569 7.29 -19.97 1.35
CA LEU A 569 6.18 -20.89 1.37
C LEU A 569 4.92 -20.26 1.91
N PHE A 570 4.78 -18.96 1.63
CA PHE A 570 3.72 -18.13 2.15
C PHE A 570 2.35 -18.28 1.52
N LEU A 571 2.21 -19.07 0.46
CA LEU A 571 0.94 -19.10 -0.28
C LEU A 571 0.86 -20.38 -1.08
N PHE A 572 -0.33 -20.95 -1.18
CA PHE A 572 -0.53 -22.26 -1.81
C PHE A 572 -1.69 -22.17 -2.79
N TRP A 573 -1.53 -22.73 -4.00
CA TRP A 573 -2.63 -22.68 -4.99
C TRP A 573 -3.13 -24.08 -5.16
N ASN A 574 -4.44 -24.14 -5.38
CA ASN A 574 -5.10 -25.35 -5.77
C ASN A 574 -5.90 -25.10 -7.04
N LEU A 575 -5.31 -25.41 -8.19
CA LEU A 575 -5.90 -24.96 -9.47
C LEU A 575 -6.20 -26.03 -10.48
N TYR A 576 -5.54 -27.18 -10.37
CA TYR A 576 -5.64 -28.17 -11.43
C TYR A 576 -6.59 -29.25 -11.00
N LYS A 577 -7.13 -29.96 -12.00
CA LYS A 577 -8.06 -31.05 -11.77
C LYS A 577 -7.40 -32.12 -10.92
N ALA A 578 -6.21 -32.52 -11.34
CA ALA A 578 -5.40 -33.43 -10.54
C ALA A 578 -5.11 -32.84 -9.12
N PRO A 579 -4.73 -33.71 -8.18
CA PRO A 579 -4.51 -33.20 -6.84
C PRO A 579 -3.11 -32.64 -6.67
N ILE A 580 -2.97 -31.37 -7.05
CA ILE A 580 -1.70 -30.68 -6.98
C ILE A 580 -1.86 -29.44 -6.13
N LEU A 581 -0.83 -29.21 -5.33
CA LEU A 581 -0.71 -27.99 -4.58
C LEU A 581 0.58 -27.34 -5.00
N LEU A 582 0.49 -26.05 -5.26
CA LEU A 582 1.57 -25.27 -5.76
C LEU A 582 1.85 -24.22 -4.70
N ALA A 583 3.10 -24.09 -4.28
CA ALA A 583 3.48 -23.20 -3.20
C ALA A 583 4.50 -22.17 -3.64
N LEU A 584 4.26 -20.92 -3.34
CA LEU A 584 5.17 -19.87 -3.78
C LEU A 584 6.27 -19.58 -2.80
N VAL A 585 7.45 -19.29 -3.31
CA VAL A 585 8.50 -18.62 -2.56
C VAL A 585 8.76 -17.21 -3.12
N ALA A 586 8.61 -16.19 -2.30
CA ALA A 586 8.67 -14.81 -2.77
C ALA A 586 9.68 -14.00 -1.98
N GLY A 587 9.79 -12.73 -2.33
CA GLY A 587 10.64 -11.78 -1.63
C GLY A 587 12.04 -12.29 -1.47
N GLU A 588 12.65 -11.92 -0.35
CA GLU A 588 14.06 -12.23 -0.08
C GLU A 588 14.29 -13.75 0.02
N ALA A 589 13.23 -14.49 0.30
CA ALA A 589 13.29 -15.95 0.33
C ALA A 589 13.57 -16.58 -1.00
N ALA A 590 12.99 -16.07 -2.08
CA ALA A 590 13.10 -16.75 -3.39
C ALA A 590 14.53 -17.04 -3.72
N GLY A 591 15.35 -15.98 -3.59
CA GLY A 591 16.78 -16.08 -3.79
C GLY A 591 17.55 -17.01 -2.87
N ILE A 592 17.24 -16.97 -1.58
CA ILE A 592 17.92 -17.81 -0.58
C ILE A 592 17.59 -19.29 -0.73
N MET A 593 16.33 -19.60 -1.00
CA MET A 593 15.87 -20.97 -1.16
C MET A 593 16.41 -21.71 -2.38
N GLU A 594 17.05 -21.00 -3.30
CA GLU A 594 17.62 -21.65 -4.48
C GLU A 594 18.84 -22.47 -4.09
N ASN A 595 19.61 -22.03 -3.10
CA ASN A 595 20.67 -22.85 -2.46
C ASN A 595 20.28 -24.01 -1.55
N ILE A 596 19.00 -24.30 -1.35
CA ILE A 596 18.58 -25.35 -0.46
C ILE A 596 17.95 -26.40 -1.32
N SER A 597 18.30 -27.66 -1.06
CA SER A 597 17.91 -28.78 -1.93
C SER A 597 16.42 -29.07 -1.89
N ASP A 598 15.93 -29.74 -2.93
CA ASP A 598 14.49 -29.95 -3.13
C ASP A 598 13.87 -30.69 -1.95
N ASP A 599 14.55 -31.73 -1.48
CA ASP A 599 14.08 -32.54 -0.36
C ASP A 599 13.85 -31.71 0.90
N VAL A 600 14.83 -30.90 1.30
CA VAL A 600 14.60 -29.92 2.38
C VAL A 600 13.38 -28.97 2.13
N ILE A 601 13.24 -28.44 0.91
CA ILE A 601 12.13 -27.52 0.57
C ILE A 601 10.79 -28.26 0.66
N VAL A 602 10.74 -29.45 0.08
CA VAL A 602 9.53 -30.24 0.11
C VAL A 602 9.20 -30.59 1.59
N GLY A 603 10.24 -30.83 2.40
CA GLY A 603 10.07 -30.98 3.85
C GLY A 603 9.32 -29.84 4.50
N ARG A 604 9.95 -28.66 4.46
CA ARG A 604 9.38 -27.44 5.02
C ARG A 604 7.92 -27.21 4.60
N CYS A 605 7.55 -27.67 3.41
CA CYS A 605 6.18 -27.55 2.89
C CYS A 605 5.22 -28.46 3.59
N LEU A 606 5.63 -29.72 3.69
CA LEU A 606 4.78 -30.76 4.25
C LEU A 606 4.53 -30.42 5.71
N ALA A 607 5.60 -30.05 6.42
CA ALA A 607 5.50 -29.41 7.75
C ALA A 607 4.31 -28.42 7.78
N ILE A 608 4.43 -27.33 7.03
CA ILE A 608 3.43 -26.28 7.03
C ILE A 608 2.04 -26.86 6.80
N LEU A 609 1.95 -27.77 5.85
CA LEU A 609 0.69 -28.41 5.50
C LEU A 609 0.14 -29.38 6.54
N LYS A 610 1.03 -30.16 7.17
CA LYS A 610 0.63 -31.01 8.30
C LYS A 610 0.12 -30.12 9.44
N GLY A 611 0.90 -29.11 9.79
CA GLY A 611 0.48 -28.07 10.72
C GLY A 611 -0.91 -27.45 10.49
N ILE A 612 -1.44 -27.53 9.28
CA ILE A 612 -2.73 -26.93 8.94
C ILE A 612 -3.83 -27.96 8.82
N PHE A 613 -3.51 -29.17 8.36
CA PHE A 613 -4.52 -30.19 8.06
C PHE A 613 -4.35 -31.48 8.91
N GLY A 614 -3.31 -31.52 9.77
CA GLY A 614 -3.05 -32.64 10.67
C GLY A 614 -2.16 -33.70 10.06
N SER A 615 -1.13 -34.14 10.80
CA SER A 615 -0.15 -35.17 10.36
C SER A 615 -0.74 -36.44 9.74
N SER A 616 -1.86 -36.91 10.25
CA SER A 616 -2.50 -38.08 9.65
C SER A 616 -3.17 -37.82 8.27
N ALA A 617 -3.26 -36.56 7.82
CA ALA A 617 -3.95 -36.20 6.56
C ALA A 617 -3.04 -35.95 5.33
N VAL A 618 -1.76 -35.64 5.56
CA VAL A 618 -0.83 -35.14 4.54
C VAL A 618 0.13 -36.26 4.13
N PRO A 619 -0.12 -36.92 2.96
CA PRO A 619 0.78 -37.99 2.49
C PRO A 619 2.14 -37.49 2.09
N GLN A 620 3.01 -38.40 1.71
CA GLN A 620 4.12 -38.01 0.87
C GLN A 620 3.60 -37.69 -0.54
N PRO A 621 4.26 -36.71 -1.20
CA PRO A 621 3.90 -36.38 -2.57
C PRO A 621 4.46 -37.43 -3.53
N LYS A 622 3.69 -37.78 -4.56
CA LYS A 622 4.15 -38.71 -5.60
C LYS A 622 5.29 -38.08 -6.42
N GLU A 623 5.10 -36.82 -6.77
CA GLU A 623 6.03 -36.07 -7.62
C GLU A 623 6.25 -34.66 -7.03
N THR A 624 7.51 -34.25 -6.97
CA THR A 624 7.82 -32.85 -6.73
C THR A 624 8.75 -32.25 -7.77
N VAL A 625 8.50 -30.96 -8.04
CA VAL A 625 9.35 -30.11 -8.87
C VAL A 625 9.56 -28.79 -8.15
N VAL A 626 10.79 -28.32 -8.07
CA VAL A 626 11.08 -26.98 -7.53
C VAL A 626 11.80 -26.07 -8.53
N SER A 627 11.11 -25.05 -9.05
CA SER A 627 11.77 -23.96 -9.84
C SER A 627 12.92 -23.24 -9.15
N ARG A 628 13.86 -22.80 -9.99
CA ARG A 628 14.98 -21.89 -9.63
C ARG A 628 15.36 -20.95 -10.79
N TRP A 629 14.63 -19.85 -10.94
CA TRP A 629 14.69 -19.06 -12.13
C TRP A 629 15.92 -18.22 -12.15
N ARG A 630 16.41 -17.79 -11.00
CA ARG A 630 17.62 -16.98 -10.98
C ARG A 630 18.81 -17.81 -11.44
N ALA A 631 18.75 -19.09 -11.15
CA ALA A 631 19.85 -19.99 -11.48
C ALA A 631 19.82 -20.38 -12.97
N ASP A 632 18.61 -20.48 -13.50
CA ASP A 632 18.42 -20.73 -14.90
C ASP A 632 19.17 -19.70 -15.74
N PRO A 633 20.15 -20.15 -16.50
CA PRO A 633 21.01 -19.27 -17.28
C PRO A 633 20.37 -18.66 -18.54
N TRP A 634 19.22 -19.20 -18.98
CA TRP A 634 18.41 -18.59 -20.03
C TRP A 634 17.29 -17.66 -19.52
N ALA A 635 17.25 -17.42 -18.23
CA ALA A 635 16.27 -16.53 -17.64
C ALA A 635 16.96 -15.58 -16.68
N ARG A 636 17.65 -16.12 -15.69
CA ARG A 636 18.36 -15.33 -14.71
C ARG A 636 17.45 -14.54 -13.81
N GLY A 637 16.22 -15.04 -13.63
CA GLY A 637 15.17 -14.36 -12.90
C GLY A 637 13.80 -14.63 -13.48
N SER A 638 12.79 -13.97 -12.94
CA SER A 638 11.43 -14.27 -13.31
C SER A 638 10.86 -13.18 -14.21
N TYR A 639 10.91 -11.94 -13.76
CA TYR A 639 10.40 -10.81 -14.53
C TYR A 639 10.84 -9.51 -13.95
N SER A 640 10.71 -8.48 -14.77
CA SER A 640 11.29 -7.20 -14.49
C SER A 640 10.44 -6.48 -13.48
N TYR A 641 11.01 -5.44 -12.92
CA TYR A 641 10.32 -4.62 -11.96
C TYR A 641 10.88 -3.25 -12.07
N VAL A 642 10.18 -2.29 -11.50
CA VAL A 642 10.62 -0.92 -11.61
C VAL A 642 11.46 -0.68 -10.39
N ALA A 643 12.77 -0.74 -10.56
CA ALA A 643 13.66 -0.62 -9.43
C ALA A 643 13.69 0.80 -9.01
N ALA A 644 14.07 1.01 -7.75
CA ALA A 644 14.21 2.34 -7.22
C ALA A 644 15.34 2.96 -8.01
N GLY A 645 15.19 4.21 -8.41
CA GLY A 645 16.17 4.85 -9.30
C GLY A 645 15.93 4.63 -10.79
N SER A 646 14.86 3.90 -11.11
CA SER A 646 14.46 3.63 -12.47
C SER A 646 13.08 4.21 -12.62
N SER A 647 12.57 4.07 -13.80
CA SER A 647 11.38 4.73 -14.21
C SER A 647 10.77 3.79 -15.24
N GLY A 648 9.57 4.10 -15.68
CA GLY A 648 8.91 3.36 -16.76
C GLY A 648 9.47 3.82 -18.08
N ASN A 649 10.14 4.95 -18.05
CA ASN A 649 10.85 5.46 -19.19
C ASN A 649 12.02 4.53 -19.66
N ASP A 650 12.67 3.86 -18.71
CA ASP A 650 13.65 2.82 -19.03
C ASP A 650 13.09 1.71 -19.87
N TYR A 651 11.83 1.34 -19.65
CA TYR A 651 11.22 0.33 -20.49
C TYR A 651 11.16 0.80 -21.96
N ASP A 652 11.04 2.12 -22.19
CA ASP A 652 11.04 2.63 -23.56
C ASP A 652 12.42 2.64 -24.15
N LEU A 653 13.39 3.14 -23.39
CA LEU A 653 14.76 2.92 -23.76
C LEU A 653 15.10 1.49 -24.15
N MET A 654 14.59 0.50 -23.43
CA MET A 654 14.84 -0.87 -23.83
C MET A 654 14.29 -1.18 -25.18
N ALA A 655 13.19 -0.57 -25.58
CA ALA A 655 12.55 -0.96 -26.84
C ALA A 655 13.11 -0.27 -28.08
N GLN A 656 13.90 0.79 -27.90
CA GLN A 656 14.49 1.58 -28.99
C GLN A 656 15.48 0.67 -29.77
N PRO A 657 15.35 0.58 -31.11
CA PRO A 657 16.31 -0.23 -31.86
C PRO A 657 17.66 0.45 -31.97
N ILE A 658 18.66 -0.29 -32.48
CA ILE A 658 20.01 0.22 -32.66
C ILE A 658 20.42 0.32 -34.13
N THR A 659 20.97 1.49 -34.50
CA THR A 659 21.42 1.72 -35.87
C THR A 659 22.93 1.77 -35.84
N PRO A 660 23.59 0.79 -36.49
CA PRO A 660 25.05 0.81 -36.45
C PRO A 660 25.64 1.89 -37.31
N GLY A 661 26.86 2.33 -36.98
CA GLY A 661 27.63 3.26 -37.83
C GLY A 661 27.83 2.78 -39.28
N PRO A 662 28.28 3.70 -40.16
CA PRO A 662 28.44 3.33 -41.56
C PRO A 662 29.73 2.47 -41.75
N SER A 663 29.77 1.58 -42.76
CA SER A 663 30.95 0.71 -43.05
C SER A 663 32.03 1.62 -43.67
N ILE A 664 31.74 2.12 -44.86
CA ILE A 664 32.58 3.09 -45.57
C ILE A 664 32.44 4.42 -44.82
N PRO A 665 33.51 5.17 -44.58
CA PRO A 665 33.25 6.47 -43.92
C PRO A 665 32.63 7.53 -44.88
N GLY A 666 31.95 8.51 -44.28
CA GLY A 666 31.12 9.46 -45.02
C GLY A 666 30.04 8.81 -45.89
N ALA A 667 29.50 7.69 -45.45
CA ALA A 667 28.45 7.02 -46.19
C ALA A 667 27.20 7.24 -45.40
N PRO A 668 26.06 7.34 -46.10
CA PRO A 668 24.86 7.69 -45.39
C PRO A 668 24.51 6.68 -44.29
N GLN A 669 23.80 7.21 -43.27
CA GLN A 669 23.36 6.48 -42.05
C GLN A 669 22.46 5.27 -42.39
N PRO A 670 22.90 4.11 -41.92
CA PRO A 670 22.11 2.97 -42.35
C PRO A 670 20.68 2.93 -41.72
N ILE A 671 20.06 1.79 -41.91
CA ILE A 671 18.82 1.42 -41.36
C ILE A 671 19.15 0.91 -39.94
N PRO A 672 18.18 0.96 -39.01
CA PRO A 672 18.40 0.21 -37.78
C PRO A 672 18.46 -1.33 -38.04
N ARG A 673 19.30 -2.01 -37.26
CA ARG A 673 19.59 -3.41 -37.50
C ARG A 673 19.24 -4.36 -36.35
N LEU A 674 19.34 -3.84 -35.13
CA LEU A 674 19.09 -4.58 -33.92
C LEU A 674 17.84 -4.05 -33.23
N PHE A 675 16.83 -4.90 -33.14
CA PHE A 675 15.57 -4.55 -32.52
C PHE A 675 15.36 -5.34 -31.21
N PHE A 676 14.58 -4.79 -30.29
CA PHE A 676 14.38 -5.43 -29.00
C PHE A 676 12.95 -5.63 -28.66
N ALA A 677 12.61 -6.82 -28.21
CA ALA A 677 11.28 -7.09 -27.64
C ALA A 677 11.39 -7.92 -26.37
N GLY A 678 10.24 -8.28 -25.82
CA GLY A 678 10.17 -8.99 -24.54
C GLY A 678 9.53 -8.14 -23.46
N GLU A 679 9.15 -8.80 -22.36
CA GLU A 679 8.37 -8.17 -21.28
C GLU A 679 9.05 -6.90 -20.73
N HIS A 680 10.35 -6.90 -20.63
CA HIS A 680 11.09 -5.71 -20.21
C HIS A 680 11.08 -4.53 -21.20
N THR A 681 10.39 -4.63 -22.33
CA THR A 681 10.38 -3.56 -23.37
C THR A 681 9.03 -2.82 -23.52
N ILE A 682 8.00 -3.28 -22.84
CA ILE A 682 6.70 -2.68 -22.95
C ILE A 682 6.28 -2.03 -21.63
N ARG A 683 6.34 -0.70 -21.55
CA ARG A 683 6.09 -0.09 -20.22
C ARG A 683 4.68 -0.14 -19.76
N ASN A 684 3.71 -0.20 -20.64
CA ASN A 684 2.34 -0.25 -20.14
C ASN A 684 1.91 -1.61 -19.68
N TYR A 685 2.61 -2.68 -20.07
CA TYR A 685 2.23 -4.04 -19.69
C TYR A 685 3.45 -4.91 -19.38
N PRO A 686 4.41 -4.38 -18.58
CA PRO A 686 5.60 -5.15 -18.26
C PRO A 686 5.28 -6.35 -17.46
N ALA A 687 6.26 -7.23 -17.44
CA ALA A 687 6.27 -8.40 -16.64
C ALA A 687 5.08 -9.34 -16.77
N THR A 688 4.53 -9.42 -17.97
CA THR A 688 3.38 -10.31 -18.25
C THR A 688 3.56 -11.07 -19.53
N VAL A 689 2.71 -12.05 -19.75
CA VAL A 689 2.64 -12.73 -21.04
C VAL A 689 1.98 -11.85 -22.10
N HIS A 690 0.84 -11.28 -21.77
CA HIS A 690 0.20 -10.36 -22.70
C HIS A 690 1.17 -9.25 -23.10
N GLY A 691 2.07 -8.85 -22.23
CA GLY A 691 2.94 -7.72 -22.53
C GLY A 691 4.06 -8.10 -23.46
N ALA A 692 4.62 -9.27 -23.22
CA ALA A 692 5.55 -9.86 -24.14
C ALA A 692 4.91 -9.94 -25.51
N LEU A 693 3.81 -10.66 -25.62
CA LEU A 693 3.05 -10.77 -26.85
C LEU A 693 2.93 -9.47 -27.54
N LEU A 694 2.50 -8.47 -26.82
CA LEU A 694 2.31 -7.17 -27.42
C LEU A 694 3.62 -6.61 -27.95
N SER A 695 4.69 -6.65 -27.14
CA SER A 695 6.02 -6.17 -27.56
C SER A 695 6.51 -6.82 -28.88
N GLY A 696 6.30 -8.13 -29.00
CA GLY A 696 6.53 -8.85 -30.25
C GLY A 696 5.76 -8.27 -31.42
N LEU A 697 4.45 -8.10 -31.26
CA LEU A 697 3.64 -7.52 -32.32
C LEU A 697 4.18 -6.14 -32.66
N ARG A 698 4.58 -5.39 -31.65
CA ARG A 698 5.13 -4.05 -31.88
C ARG A 698 6.32 -4.14 -32.83
N GLU A 699 7.32 -4.93 -32.46
CA GLU A 699 8.55 -4.97 -33.22
C GLU A 699 8.32 -5.49 -34.59
N ALA A 700 7.54 -6.55 -34.75
CA ALA A 700 7.22 -7.01 -36.09
C ALA A 700 6.70 -5.86 -36.97
N GLY A 701 5.76 -5.09 -36.44
CA GLY A 701 5.28 -3.95 -37.19
C GLY A 701 6.39 -2.98 -37.51
N ARG A 702 7.29 -2.77 -36.57
CA ARG A 702 8.33 -1.77 -36.74
C ARG A 702 9.41 -2.21 -37.73
N ILE A 703 9.72 -3.51 -37.71
CA ILE A 703 10.67 -4.13 -38.63
C ILE A 703 10.08 -4.13 -40.03
N ALA A 704 8.84 -4.58 -40.18
CA ALA A 704 8.14 -4.48 -41.47
C ALA A 704 8.11 -3.05 -42.01
N ASP A 705 7.65 -2.09 -41.24
CA ASP A 705 7.74 -0.71 -41.72
C ASP A 705 9.14 -0.41 -42.24
N GLN A 706 10.16 -0.86 -41.53
CA GLN A 706 11.52 -0.53 -41.88
C GLN A 706 12.02 -1.17 -43.17
N PHE A 707 11.73 -2.43 -43.38
CA PHE A 707 12.33 -3.21 -44.46
C PHE A 707 11.36 -3.54 -45.58
N LEU A 708 10.07 -3.38 -45.34
CA LEU A 708 9.09 -3.56 -46.40
C LEU A 708 8.41 -2.25 -46.74
N GLY A 709 8.81 -1.15 -46.11
CA GLY A 709 8.13 0.14 -46.30
C GLY A 709 6.70 0.14 -45.79
N ALA A 710 6.14 1.34 -45.67
CA ALA A 710 4.82 1.49 -45.09
C ALA A 710 3.91 2.20 -46.09
N MET A 711 3.13 1.45 -46.87
CA MET A 711 2.25 2.13 -47.84
C MET A 711 1.19 3.01 -47.16
N TYR A 712 0.57 2.48 -46.11
CA TYR A 712 -0.46 3.17 -45.27
C TYR A 712 -0.17 4.60 -44.68
N THR A 713 1.10 5.04 -44.62
CA THR A 713 1.47 6.34 -44.01
C THR A 713 1.36 7.52 -44.97
N LEU A 714 1.11 7.27 -46.27
CA LEU A 714 0.94 8.33 -47.30
C LEU A 714 -0.56 8.76 -47.47
N ARG B 4 -4.48 14.97 -1.47
CA ARG B 4 -4.37 16.13 -0.50
C ARG B 4 -4.50 15.73 0.99
N LYS B 5 -5.31 14.71 1.28
CA LYS B 5 -5.46 14.22 2.66
C LYS B 5 -5.04 12.75 2.78
N PRO B 6 -4.16 12.43 3.76
CA PRO B 6 -3.78 11.04 4.05
C PRO B 6 -5.04 10.22 4.26
N PRO B 7 -5.03 8.92 4.01
CA PRO B 7 -6.22 8.09 4.34
C PRO B 7 -6.64 8.26 5.79
N LYS B 8 -7.88 7.93 6.11
CA LYS B 8 -8.39 8.16 7.47
C LYS B 8 -7.62 7.26 8.41
N GLY B 9 -7.36 7.75 9.61
CA GLY B 9 -6.57 7.05 10.64
C GLY B 9 -5.12 6.72 10.26
N MET B 10 -4.54 7.57 9.42
CA MET B 10 -3.12 7.55 9.14
C MET B 10 -2.65 8.96 9.43
N PHE B 11 -1.53 9.07 10.14
CA PHE B 11 -1.02 10.36 10.50
C PHE B 11 0.31 10.50 9.90
N LEU B 12 0.46 11.56 9.10
CA LEU B 12 1.64 11.80 8.27
C LEU B 12 1.75 13.29 8.11
N SER B 13 2.59 13.93 8.90
CA SER B 13 2.74 15.37 8.83
C SER B 13 4.03 15.65 8.11
N GLN B 14 4.05 16.70 7.31
CA GLN B 14 5.28 17.19 6.68
C GLN B 14 6.49 17.08 7.67
N GLU B 15 6.28 17.67 8.86
CA GLU B 15 7.27 17.83 9.93
C GLU B 15 7.76 16.51 10.56
N ASP B 16 6.81 15.65 10.91
CA ASP B 16 7.08 14.30 11.48
C ASP B 16 7.88 13.39 10.56
N VAL B 17 7.57 13.49 9.27
CA VAL B 17 8.20 12.65 8.25
C VAL B 17 9.68 12.99 8.18
N GLU B 18 9.99 14.29 8.12
CA GLU B 18 11.38 14.80 8.17
C GLU B 18 12.15 14.33 9.41
N ALA B 19 11.44 14.32 10.54
CA ALA B 19 11.99 13.91 11.83
C ALA B 19 12.38 12.41 11.93
N VAL B 20 11.57 11.53 11.37
CA VAL B 20 11.85 10.08 11.45
C VAL B 20 12.95 9.64 10.47
N SER B 21 13.01 10.33 9.34
CA SER B 21 13.94 10.00 8.26
C SER B 21 15.35 10.63 8.36
N ALA B 22 15.50 11.71 9.13
CA ALA B 22 16.78 12.43 9.23
C ALA B 22 18.05 11.54 9.37
N ASN B 23 17.98 10.43 10.11
CA ASN B 23 19.12 9.52 10.34
C ASN B 23 18.65 8.08 10.23
N ALA B 24 19.59 7.15 10.27
CA ALA B 24 19.30 5.71 10.23
C ALA B 24 18.70 5.22 11.55
N THR B 25 19.10 5.86 12.64
CA THR B 25 18.62 5.58 14.01
C THR B 25 17.53 6.56 14.49
N ALA B 26 17.48 7.75 13.91
CA ALA B 26 16.54 8.81 14.35
C ALA B 26 15.07 8.41 14.32
N ALA B 27 14.75 7.29 13.68
CA ALA B 27 13.43 6.68 13.82
C ALA B 27 13.23 6.11 15.22
N THR B 28 14.11 5.19 15.63
CA THR B 28 14.04 4.59 16.98
C THR B 28 14.56 5.54 18.09
N THR B 29 15.26 6.62 17.74
CA THR B 29 15.48 7.75 18.68
C THR B 29 14.14 8.38 19.10
N VAL B 30 13.40 8.93 18.14
CA VAL B 30 12.12 9.60 18.44
C VAL B 30 11.19 8.69 19.24
N LEU B 31 11.17 7.39 18.94
CA LEU B 31 10.30 6.44 19.63
C LEU B 31 10.82 5.86 20.95
N ARG B 32 12.10 6.02 21.27
CA ARG B 32 12.59 5.70 22.62
C ARG B 32 12.23 6.87 23.53
N GLN B 33 12.57 8.09 23.11
CA GLN B 33 12.17 9.31 23.84
C GLN B 33 10.67 9.54 24.07
N LEU B 34 9.80 8.76 23.43
CA LEU B 34 8.38 8.76 23.74
C LEU B 34 8.03 7.65 24.73
N ASP B 35 8.89 6.64 24.85
CA ASP B 35 8.81 5.73 25.99
C ASP B 35 9.44 6.30 27.27
N MET B 36 10.45 7.18 27.17
CA MET B 36 10.95 7.89 28.36
C MET B 36 9.86 8.78 28.90
N GLU B 37 9.27 9.59 28.03
CA GLU B 37 8.17 10.49 28.38
C GLU B 37 6.98 9.75 28.96
N LEU B 38 6.70 8.57 28.43
CA LEU B 38 5.52 7.82 28.85
C LEU B 38 5.78 7.18 30.20
N VAL B 39 6.94 6.57 30.40
CA VAL B 39 7.23 5.91 31.70
C VAL B 39 7.34 6.96 32.83
N SER B 40 7.93 8.12 32.55
CA SER B 40 8.00 9.20 33.53
C SER B 40 6.68 9.90 33.91
N VAL B 41 5.67 9.81 33.05
CA VAL B 41 4.35 10.34 33.36
C VAL B 41 3.58 9.28 34.15
N LYS B 42 3.78 8.01 33.82
CA LYS B 42 3.12 6.94 34.56
C LYS B 42 3.72 6.79 35.95
N ARG B 43 4.96 7.21 36.10
CA ARG B 43 5.62 7.28 37.39
C ARG B 43 5.04 8.40 38.22
N GLN B 44 4.99 9.58 37.63
CA GLN B 44 4.50 10.74 38.34
C GLN B 44 3.04 10.58 38.81
N ILE B 45 2.22 9.88 38.03
CA ILE B 45 0.88 9.48 38.46
C ILE B 45 0.89 8.63 39.71
N GLN B 46 1.82 7.68 39.79
CA GLN B 46 1.91 6.79 40.96
C GLN B 46 2.25 7.50 42.25
N ASN B 47 3.02 8.58 42.17
CA ASN B 47 3.28 9.39 43.35
C ASN B 47 2.05 10.16 43.74
N ILE B 48 1.54 10.96 42.82
CA ILE B 48 0.40 11.79 43.14
C ILE B 48 -0.81 10.95 43.58
N LYS B 49 -0.91 9.68 43.20
CA LYS B 49 -1.96 8.81 43.72
C LYS B 49 -1.73 8.46 45.19
N GLN B 50 -0.50 8.13 45.55
CA GLN B 50 -0.18 7.82 46.97
C GLN B 50 -0.24 9.07 47.85
N THR B 51 0.37 10.15 47.38
CA THR B 51 0.24 11.44 48.01
C THR B 51 -1.23 11.81 48.29
N ASN B 52 -2.08 11.80 47.25
CA ASN B 52 -3.53 12.08 47.42
C ASN B 52 -4.27 11.04 48.27
N SER B 53 -3.77 9.83 48.32
CA SER B 53 -4.35 8.78 49.16
C SER B 53 -4.10 9.08 50.65
N ALA B 54 -2.88 9.50 50.98
CA ALA B 54 -2.54 9.99 52.32
C ALA B 54 -3.40 11.17 52.80
N LEU B 55 -3.49 12.23 51.99
CA LEU B 55 -4.36 13.36 52.30
C LEU B 55 -5.83 12.97 52.48
N LYS B 56 -6.28 11.94 51.79
CA LYS B 56 -7.67 11.50 51.97
C LYS B 56 -7.81 10.84 53.33
N GLU B 57 -6.79 10.10 53.75
CA GLU B 57 -6.81 9.43 55.05
C GLU B 57 -6.73 10.45 56.21
N LYS B 58 -6.02 11.58 56.03
CA LYS B 58 -6.08 12.71 56.98
C LYS B 58 -7.51 13.28 57.14
N LEU B 59 -8.23 13.50 56.04
CA LEU B 59 -9.64 13.94 56.12
C LEU B 59 -10.66 12.91 56.64
N ASP B 60 -10.22 11.74 57.13
CA ASP B 60 -11.16 10.69 57.50
C ASP B 60 -11.95 11.08 58.75
N GLY B 61 -13.26 11.04 58.62
CA GLY B 61 -14.20 11.59 59.59
C GLY B 61 -15.11 12.64 58.96
N GLY B 62 -14.65 13.23 57.85
CA GLY B 62 -15.30 14.42 57.30
C GLY B 62 -15.10 15.56 58.28
N ILE B 63 -16.10 16.44 58.35
CA ILE B 63 -16.16 17.45 59.42
C ILE B 63 -17.44 17.32 60.27
N GLU B 64 -18.00 16.13 60.39
CA GLU B 64 -19.31 15.99 61.03
C GLU B 64 -19.26 16.37 62.52
N PRO B 65 -18.22 15.92 63.25
CA PRO B 65 -18.05 16.36 64.63
C PRO B 65 -18.19 17.86 64.89
N TYR B 66 -17.74 18.68 63.94
CA TYR B 66 -17.55 20.11 64.17
C TYR B 66 -18.65 21.00 63.64
N ARG B 67 -19.70 20.41 63.09
CA ARG B 67 -20.77 21.22 62.51
C ARG B 67 -21.71 21.65 63.64
N LEU B 68 -22.31 22.83 63.47
CA LEU B 68 -23.22 23.40 64.45
C LEU B 68 -24.57 23.57 63.80
N PRO B 69 -25.66 23.36 64.57
CA PRO B 69 -27.01 23.62 64.06
C PRO B 69 -27.20 25.03 63.49
N GLU B 70 -28.24 25.18 62.68
CA GLU B 70 -28.53 26.47 62.04
C GLU B 70 -29.60 27.23 62.81
N VAL B 71 -29.35 28.53 63.01
CA VAL B 71 -30.27 29.43 63.69
C VAL B 71 -31.25 29.91 62.61
N ILE B 72 -32.54 29.56 62.72
CA ILE B 72 -33.53 29.89 61.66
C ILE B 72 -34.33 31.19 61.94
N GLN B 73 -33.89 32.03 62.88
CA GLN B 73 -34.71 33.19 63.30
C GLN B 73 -35.12 34.16 62.17
N LYS B 74 -36.36 34.65 62.27
CA LYS B 74 -37.01 35.46 61.23
C LYS B 74 -36.54 36.90 61.32
N CYS B 75 -36.41 37.60 60.20
CA CYS B 75 -36.07 39.03 60.23
C CYS B 75 -37.10 39.81 61.03
N ASN B 76 -36.65 40.92 61.59
CA ASN B 76 -37.49 41.75 62.45
C ASN B 76 -37.09 43.20 62.23
N ALA B 77 -38.07 44.09 62.14
CA ALA B 77 -37.80 45.49 61.87
C ALA B 77 -37.10 46.19 63.05
N ARG B 78 -37.58 45.94 64.27
CA ARG B 78 -37.08 46.62 65.48
C ARG B 78 -35.63 46.28 65.81
N TRP B 79 -34.81 47.33 65.94
CA TRP B 79 -33.47 47.23 66.53
C TRP B 79 -33.53 47.29 68.05
N THR B 80 -33.23 46.17 68.74
CA THR B 80 -32.95 46.21 70.19
C THR B 80 -31.53 46.75 70.40
N THR B 81 -31.27 47.32 71.57
CA THR B 81 -29.91 47.77 71.89
C THR B 81 -28.93 46.54 71.85
N GLU B 82 -29.40 45.31 72.15
CA GLU B 82 -28.57 44.12 72.00
C GLU B 82 -28.08 44.08 70.56
N GLU B 83 -29.04 44.11 69.64
CA GLU B 83 -28.78 44.04 68.22
C GLU B 83 -27.87 45.17 67.71
N GLN B 84 -28.09 46.40 68.16
CA GLN B 84 -27.17 47.51 67.80
C GLN B 84 -25.72 47.28 68.21
N LEU B 85 -25.56 46.64 69.37
CA LEU B 85 -24.25 46.47 69.99
C LEU B 85 -23.51 45.36 69.30
N LEU B 86 -24.20 44.26 69.02
CA LEU B 86 -23.70 43.23 68.08
C LEU B 86 -23.31 43.80 66.69
N ALA B 87 -24.18 44.62 66.13
CA ALA B 87 -23.87 45.29 64.86
C ALA B 87 -22.54 46.02 64.89
N VAL B 88 -22.39 46.96 65.82
CA VAL B 88 -21.16 47.74 65.88
C VAL B 88 -19.93 46.85 65.99
N GLN B 89 -20.07 45.70 66.63
CA GLN B 89 -18.93 44.82 66.81
C GLN B 89 -18.62 44.05 65.56
N ALA B 90 -19.69 43.59 64.90
CA ALA B 90 -19.62 42.87 63.62
C ALA B 90 -18.99 43.73 62.53
N ILE B 91 -19.37 45.01 62.52
CA ILE B 91 -18.75 45.99 61.65
C ILE B 91 -17.26 46.05 61.94
N ARG B 92 -16.90 46.21 63.20
CA ARG B 92 -15.47 46.31 63.57
C ARG B 92 -14.64 45.11 63.12
N LYS B 93 -15.29 43.94 63.07
CA LYS B 93 -14.66 42.70 62.70
C LYS B 93 -14.70 42.47 61.22
N TYR B 94 -15.84 42.77 60.60
CA TYR B 94 -16.13 42.37 59.21
C TYR B 94 -16.11 43.44 58.11
N GLY B 95 -15.90 44.70 58.49
CA GLY B 95 -16.00 45.82 57.55
C GLY B 95 -17.36 46.00 56.90
N ARG B 96 -17.38 45.99 55.56
CA ARG B 96 -18.62 46.17 54.80
C ARG B 96 -19.27 44.84 54.38
N ASP B 97 -18.78 43.69 54.86
CA ASP B 97 -19.40 42.40 54.50
C ASP B 97 -20.79 42.28 55.15
N PHE B 98 -21.76 42.97 54.56
CA PHE B 98 -23.11 43.08 55.10
C PHE B 98 -23.76 41.70 55.30
N GLN B 99 -23.27 40.70 54.56
CA GLN B 99 -23.81 39.35 54.64
C GLN B 99 -23.45 38.67 55.96
N ALA B 100 -22.17 38.71 56.31
CA ALA B 100 -21.67 38.21 57.60
C ALA B 100 -22.36 38.95 58.73
N ILE B 101 -22.30 40.28 58.67
CA ILE B 101 -22.94 41.12 59.68
C ILE B 101 -24.39 40.71 59.95
N SER B 102 -25.17 40.52 58.90
CA SER B 102 -26.54 40.01 59.02
C SER B 102 -26.63 38.61 59.65
N ASP B 103 -25.67 37.73 59.37
CA ASP B 103 -25.69 36.37 59.93
C ASP B 103 -25.45 36.40 61.44
N VAL B 104 -24.49 37.22 61.88
CA VAL B 104 -24.17 37.37 63.32
C VAL B 104 -25.38 37.84 64.08
N ILE B 105 -25.95 38.96 63.62
CA ILE B 105 -27.09 39.56 64.30
C ILE B 105 -28.32 38.63 64.25
N GLY B 106 -28.46 37.86 63.16
CA GLY B 106 -29.32 36.66 63.12
C GLY B 106 -30.81 36.86 62.89
N ASN B 107 -31.26 38.11 63.01
CA ASN B 107 -32.63 38.51 62.76
C ASN B 107 -32.63 39.91 62.08
N LYS B 108 -31.65 40.13 61.20
CA LYS B 108 -31.61 41.37 60.40
C LYS B 108 -31.11 41.03 58.99
N SER B 109 -31.94 41.38 58.01
CA SER B 109 -31.61 41.25 56.59
C SER B 109 -30.57 42.29 56.18
N VAL B 110 -29.95 41.96 55.05
CA VAL B 110 -28.78 42.66 54.54
C VAL B 110 -29.09 44.11 54.15
N VAL B 111 -30.35 44.33 53.76
CA VAL B 111 -30.88 45.65 53.48
C VAL B 111 -30.83 46.40 54.82
N GLN B 112 -31.52 45.83 55.82
CA GLN B 112 -31.66 46.46 57.16
C GLN B 112 -30.30 46.89 57.74
N VAL B 113 -29.27 46.08 57.48
CA VAL B 113 -27.92 46.37 57.89
C VAL B 113 -27.42 47.64 57.20
N LYS B 114 -27.51 47.66 55.87
CA LYS B 114 -27.01 48.81 55.09
C LYS B 114 -27.69 50.08 55.56
N ASN B 115 -28.98 49.95 55.86
CA ASN B 115 -29.76 51.04 56.45
C ASN B 115 -29.13 51.56 57.73
N PHE B 116 -28.96 50.62 58.66
CA PHE B 116 -28.24 50.83 59.91
C PHE B 116 -26.96 51.65 59.69
N PHE B 117 -26.14 51.23 58.72
CA PHE B 117 -24.90 51.94 58.39
C PHE B 117 -25.08 53.45 58.15
N VAL B 118 -26.28 53.86 57.72
CA VAL B 118 -26.59 55.27 57.48
C VAL B 118 -27.28 55.95 58.66
N ASN B 119 -28.26 55.29 59.26
CA ASN B 119 -29.02 55.87 60.38
C ASN B 119 -28.13 56.28 61.56
N TYR B 120 -27.34 55.30 62.00
CA TYR B 120 -26.49 55.48 63.16
C TYR B 120 -25.09 55.94 62.80
N ARG B 121 -24.78 56.08 61.51
CA ARG B 121 -23.44 56.50 61.06
C ARG B 121 -22.82 57.56 61.96
N ARG B 122 -23.60 58.57 62.29
CA ARG B 122 -23.11 59.66 63.13
C ARG B 122 -23.02 59.24 64.62
N ARG B 123 -24.06 58.62 65.15
CA ARG B 123 -24.12 58.23 66.59
C ARG B 123 -23.21 57.06 67.03
N PHE B 124 -22.99 56.10 66.15
CA PHE B 124 -22.04 55.04 66.41
C PHE B 124 -20.68 55.25 65.72
N ASN B 125 -20.40 56.45 65.25
CA ASN B 125 -19.13 56.74 64.59
C ASN B 125 -18.68 55.62 63.67
N ILE B 126 -19.57 55.18 62.79
CA ILE B 126 -19.29 54.03 61.93
C ILE B 126 -18.10 54.28 61.00
N ASP B 127 -17.86 55.53 60.65
CA ASP B 127 -16.66 55.88 59.90
C ASP B 127 -15.40 55.52 60.68
N GLU B 128 -15.36 55.93 61.96
CA GLU B 128 -14.22 55.61 62.83
C GLU B 128 -14.08 54.09 62.96
N VAL B 129 -15.20 53.39 63.10
CA VAL B 129 -15.18 51.94 63.23
C VAL B 129 -14.68 51.27 61.94
N LEU B 130 -15.06 51.82 60.78
CA LEU B 130 -14.64 51.22 59.50
C LEU B 130 -13.16 51.45 59.22
N GLN B 131 -12.64 52.63 59.56
CA GLN B 131 -11.19 52.88 59.40
C GLN B 131 -10.31 52.06 60.35
N GLU B 132 -10.87 51.71 61.50
CA GLU B 132 -10.24 50.76 62.43
C GLU B 132 -10.14 49.36 61.81
N TRP B 133 -11.24 48.91 61.19
CA TRP B 133 -11.25 47.63 60.45
C TRP B 133 -10.24 47.60 59.31
N GLU B 134 -10.19 48.70 58.56
CA GLU B 134 -9.26 48.85 57.42
C GLU B 134 -7.80 48.73 57.90
N ALA B 135 -7.44 49.51 58.91
CA ALA B 135 -6.11 49.40 59.54
C ALA B 135 -5.61 47.94 59.80
N GLU B 136 -6.49 46.97 60.06
CA GLU B 136 -6.08 45.54 60.21
C GLU B 136 -5.81 44.82 58.87
#